data_5JOX
#
_entry.id   5JOX
#
_cell.length_a   75.778
_cell.length_b   91.626
_cell.length_c   154.440
_cell.angle_alpha   90.00
_cell.angle_beta   90.00
_cell.angle_gamma   90.00
#
_symmetry.space_group_name_H-M   'P 21 2 21'
#
loop_
_entity.id
_entity.type
_entity.pdbx_description
1 polymer 'Non-reducing end alpha-L-arabinofuranosidase BoGH43A'
2 non-polymer 1,4-DIDEOXY-1,4-IMINO-L-ARABINITOL
3 water water
#
_entity_poly.entity_id   1
_entity_poly.type   'polypeptide(L)'
_entity_poly.pdbx_seq_one_letter_code
;MGSSHHHHHHQGYSNPVIPGFHPDPSVCKAGDDYYLVNSSFQYFPGVPLFHSKDLVHWEQIGNCLTRPSQLDLTNANSGS
GIFAPTIRYNDGVFYMITTNVSGKGNFLVHTTDPRSEWSEPVWLEQGGIDPSLYFEDGKCFMVSNPDGYINLCEIDPMTG
KQLSSSKRIWNGTGGRYAEGPHIYKKDGWYYLLISEGGTELGHKVTIARSRYIDGPYQGNPANPILTHANESGQSSPIQG
TGHADLVEGTDGSWWMVCLAYRIMPGTHHTLGRETYLAPVRWDKDAWPVVNSNGTISLKMDVPTLPQQEMKGRPERIDFK
EGKLSPEWIHLQNPEAKNYIFTKDGKLRLIATPVTLSDWKSPTFVALRQEHFDMEASAPVVLQKAGVNDEAGISVFMEFH
SHYDLFVRQDKDRKRSVGLRYKLGEITHYAKEVSLPTDGEVELVVKSDINYYYFGYKVNGIYHDLGKMNTRYLSTETAGG
FTGVVLGLYITSASKDSKAYADFEYFKYKGKPGENK
;
_entity_poly.pdbx_strand_id   A,B
#
loop_
_chem_comp.id
_chem_comp.type
_chem_comp.name
_chem_comp.formula
EDG non-polymer 1,4-DIDEOXY-1,4-IMINO-L-ARABINITOL 'C5 H11 N O3'
#
# COMPACT_ATOMS: atom_id res chain seq x y z
N HIS A 10 -17.16 1.97 34.28
CA HIS A 10 -17.22 3.49 34.25
C HIS A 10 -15.96 4.24 33.76
N GLN A 11 -14.82 3.54 33.61
N GLN A 11 -14.82 3.53 33.57
CA GLN A 11 -13.54 4.18 33.24
CA GLN A 11 -13.56 4.18 33.24
C GLN A 11 -12.58 3.20 32.57
C GLN A 11 -12.55 3.22 32.59
N GLY A 12 -12.23 3.47 31.31
CA GLY A 12 -11.24 2.70 30.56
C GLY A 12 -11.85 1.69 29.60
N TYR A 13 -11.29 1.61 28.40
CA TYR A 13 -11.56 0.50 27.48
C TYR A 13 -10.40 0.40 26.50
N SER A 14 -10.37 -0.72 25.78
CA SER A 14 -9.39 -0.90 24.72
CA SER A 14 -9.40 -0.93 24.72
C SER A 14 -10.04 -0.75 23.35
N ASN A 15 -9.28 -0.22 22.40
CA ASN A 15 -9.65 -0.17 20.99
C ASN A 15 -8.83 -1.21 20.22
N PRO A 16 -9.35 -1.77 19.14
CA PRO A 16 -10.73 -1.56 18.67
C PRO A 16 -11.78 -2.24 19.58
N VAL A 17 -12.99 -1.73 19.54
CA VAL A 17 -14.07 -2.32 20.31
C VAL A 17 -14.69 -3.51 19.60
N ILE A 18 -14.62 -3.56 18.26
CA ILE A 18 -14.93 -4.78 17.52
C ILE A 18 -13.76 -5.11 16.57
N PRO A 19 -12.85 -6.00 17.01
CA PRO A 19 -11.66 -6.31 16.20
C PRO A 19 -11.94 -7.16 14.96
N GLY A 20 -10.96 -7.21 14.06
CA GLY A 20 -11.13 -7.92 12.79
C GLY A 20 -12.06 -7.20 11.83
N PHE A 21 -12.36 -7.89 10.74
CA PHE A 21 -13.00 -7.31 9.55
C PHE A 21 -14.42 -6.81 9.88
N HIS A 22 -14.49 -5.53 10.29
CA HIS A 22 -15.73 -4.86 10.70
C HIS A 22 -15.70 -3.37 10.30
N PRO A 23 -15.81 -3.07 9.00
CA PRO A 23 -15.64 -1.70 8.53
C PRO A 23 -16.93 -0.92 8.51
N ASP A 24 -16.78 0.37 8.23
CA ASP A 24 -17.89 1.26 7.98
C ASP A 24 -18.98 1.13 9.03
N PRO A 25 -18.62 1.24 10.32
CA PRO A 25 -19.63 1.08 11.33
C PRO A 25 -20.67 2.21 11.37
N SER A 26 -21.92 1.81 11.58
CA SER A 26 -23.00 2.73 11.80
C SER A 26 -23.79 2.21 13.01
N VAL A 27 -24.28 3.13 13.83
CA VAL A 27 -24.91 2.81 15.12
C VAL A 27 -26.19 3.61 15.30
N CYS A 28 -27.19 2.99 15.93
CA CYS A 28 -28.38 3.69 16.38
C CYS A 28 -28.68 3.35 17.83
N LYS A 29 -29.39 4.29 18.48
CA LYS A 29 -29.88 4.15 19.85
C LYS A 29 -31.39 3.90 19.85
N ALA A 30 -31.81 2.80 20.47
CA ALA A 30 -33.23 2.48 20.69
C ALA A 30 -33.41 2.33 22.19
N GLY A 31 -33.84 3.41 22.85
CA GLY A 31 -33.93 3.46 24.31
C GLY A 31 -32.55 3.33 24.91
N ASP A 32 -32.37 2.37 25.82
CA ASP A 32 -31.05 2.02 26.37
C ASP A 32 -30.26 0.96 25.58
N ASP A 33 -30.76 0.56 24.42
CA ASP A 33 -30.05 -0.41 23.57
C ASP A 33 -29.35 0.28 22.40
N TYR A 34 -28.17 -0.19 22.06
CA TYR A 34 -27.47 0.24 20.87
C TYR A 34 -27.36 -0.89 19.86
N TYR A 35 -27.57 -0.58 18.59
CA TYR A 35 -27.39 -1.54 17.52
C TYR A 35 -26.42 -0.99 16.46
N LEU A 36 -25.52 -1.85 16.00
CA LEU A 36 -24.43 -1.48 15.09
C LEU A 36 -24.31 -2.44 13.90
N VAL A 37 -24.03 -1.89 12.72
CA VAL A 37 -23.87 -2.69 11.51
C VAL A 37 -22.52 -2.37 10.86
N ASN A 38 -21.92 -3.36 10.20
CA ASN A 38 -20.70 -3.17 9.39
C ASN A 38 -20.92 -3.60 7.94
N SER A 39 -20.07 -3.14 7.03
CA SER A 39 -20.07 -3.62 5.65
C SER A 39 -19.49 -5.04 5.58
N SER A 40 -19.93 -5.81 4.60
CA SER A 40 -19.50 -7.22 4.45
C SER A 40 -19.06 -7.68 3.05
N PHE A 41 -19.18 -6.82 2.05
CA PHE A 41 -18.61 -7.08 0.74
C PHE A 41 -19.08 -8.41 0.13
N GLN A 42 -18.19 -9.38 -0.13
CA GLN A 42 -18.59 -10.62 -0.84
C GLN A 42 -19.19 -11.73 0.04
N TYR A 43 -19.33 -11.48 1.34
CA TYR A 43 -19.62 -12.54 2.29
C TYR A 43 -21.10 -12.67 2.58
N PHE A 44 -21.52 -13.90 2.86
CA PHE A 44 -22.91 -14.25 3.19
C PHE A 44 -22.96 -15.09 4.48
N PRO A 45 -23.83 -14.77 5.45
CA PRO A 45 -24.76 -13.65 5.42
C PRO A 45 -24.05 -12.30 5.49
N GLY A 46 -24.77 -11.28 5.07
CA GLY A 46 -24.26 -9.93 4.97
C GLY A 46 -24.74 -9.05 6.10
N VAL A 47 -23.95 -8.00 6.33
CA VAL A 47 -24.22 -6.96 7.29
C VAL A 47 -24.36 -7.47 8.73
N PRO A 48 -23.22 -7.81 9.37
CA PRO A 48 -23.31 -8.21 10.75
C PRO A 48 -23.95 -7.16 11.64
N LEU A 49 -24.75 -7.64 12.59
CA LEU A 49 -25.57 -6.83 13.47
C LEU A 49 -25.12 -7.08 14.90
N PHE A 50 -24.76 -6.02 15.60
CA PHE A 50 -24.29 -6.12 16.97
C PHE A 50 -25.20 -5.40 17.92
N HIS A 51 -25.11 -5.77 19.20
CA HIS A 51 -25.90 -5.15 20.25
C HIS A 51 -25.01 -4.84 21.45
N SER A 52 -25.19 -3.65 22.02
CA SER A 52 -24.47 -3.20 23.24
C SER A 52 -25.35 -2.37 24.14
N LYS A 53 -24.99 -2.36 25.44
CA LYS A 53 -25.59 -1.46 26.43
C LYS A 53 -24.65 -0.31 26.80
N ASP A 54 -23.37 -0.40 26.40
CA ASP A 54 -22.35 0.56 26.83
C ASP A 54 -21.46 1.16 25.74
N LEU A 55 -21.63 0.75 24.48
CA LEU A 55 -20.78 1.11 23.33
C LEU A 55 -19.39 0.48 23.28
N VAL A 56 -18.95 -0.09 24.39
CA VAL A 56 -17.64 -0.70 24.52
C VAL A 56 -17.69 -2.19 24.18
N HIS A 57 -18.68 -2.91 24.75
CA HIS A 57 -18.81 -4.37 24.54
C HIS A 57 -19.99 -4.65 23.63
N TRP A 58 -19.76 -5.48 22.62
CA TRP A 58 -20.73 -5.76 21.58
C TRP A 58 -20.90 -7.28 21.41
N GLU A 59 -22.13 -7.72 21.19
CA GLU A 59 -22.43 -9.12 20.95
C GLU A 59 -23.01 -9.17 19.55
N GLN A 60 -22.53 -10.07 18.71
CA GLN A 60 -23.14 -10.26 17.39
C GLN A 60 -24.44 -11.06 17.59
N ILE A 61 -25.54 -10.39 17.44
CA ILE A 61 -26.87 -11.01 17.58
C ILE A 61 -27.40 -11.54 16.23
N GLY A 62 -26.74 -11.19 15.13
CA GLY A 62 -27.23 -11.64 13.82
C GLY A 62 -26.57 -10.94 12.67
N ASN A 63 -27.29 -10.91 11.55
CA ASN A 63 -26.88 -10.32 10.29
C ASN A 63 -28.18 -9.81 9.64
N CYS A 64 -28.12 -8.65 8.97
CA CYS A 64 -29.34 -8.09 8.41
C CYS A 64 -29.76 -8.77 7.12
N LEU A 65 -28.78 -9.29 6.38
CA LEU A 65 -29.02 -9.89 5.08
C LEU A 65 -28.74 -11.41 5.18
N THR A 66 -29.81 -12.16 5.42
CA THR A 66 -29.74 -13.58 5.72
C THR A 66 -30.35 -14.51 4.68
N ARG A 67 -31.01 -13.96 3.66
CA ARG A 67 -31.66 -14.77 2.65
C ARG A 67 -31.17 -14.37 1.27
N PRO A 68 -31.06 -15.36 0.35
CA PRO A 68 -30.60 -15.02 -1.00
C PRO A 68 -31.39 -13.87 -1.66
N SER A 69 -32.70 -13.77 -1.39
CA SER A 69 -33.55 -12.75 -2.00
C SER A 69 -33.19 -11.30 -1.55
N GLN A 70 -32.57 -11.18 -0.38
CA GLN A 70 -32.04 -9.92 0.13
C GLN A 70 -30.65 -9.57 -0.37
N LEU A 71 -29.93 -10.56 -0.92
CA LEU A 71 -28.48 -10.43 -1.16
C LEU A 71 -27.96 -11.30 -2.32
N ASP A 72 -28.01 -10.72 -3.52
CA ASP A 72 -27.44 -11.35 -4.70
C ASP A 72 -25.93 -11.04 -4.74
N LEU A 73 -25.09 -12.07 -4.62
CA LEU A 73 -23.63 -11.90 -4.62
C LEU A 73 -22.92 -12.49 -5.85
N THR A 74 -23.68 -12.65 -6.94
CA THR A 74 -23.13 -13.16 -8.18
C THR A 74 -21.87 -12.39 -8.55
N ASN A 75 -20.76 -13.11 -8.68
CA ASN A 75 -19.45 -12.54 -9.00
C ASN A 75 -18.87 -11.50 -8.03
N ALA A 76 -19.38 -11.45 -6.80
CA ALA A 76 -18.86 -10.52 -5.81
C ALA A 76 -17.47 -10.94 -5.35
N ASN A 77 -16.67 -9.98 -4.94
CA ASN A 77 -15.30 -10.25 -4.43
C ASN A 77 -14.95 -9.17 -3.40
N SER A 78 -13.71 -9.16 -2.90
CA SER A 78 -13.34 -8.25 -1.82
C SER A 78 -13.45 -6.76 -2.18
N GLY A 79 -13.58 -6.43 -3.47
CA GLY A 79 -13.82 -5.08 -3.91
C GLY A 79 -15.23 -4.75 -4.35
N SER A 80 -16.18 -5.64 -4.07
CA SER A 80 -17.55 -5.43 -4.50
C SER A 80 -18.55 -5.96 -3.46
N GLY A 81 -19.75 -6.35 -3.88
CA GLY A 81 -20.82 -6.69 -2.94
C GLY A 81 -21.35 -5.52 -2.08
N ILE A 82 -21.49 -5.78 -0.79
CA ILE A 82 -22.11 -4.85 0.11
C ILE A 82 -21.10 -3.83 0.67
N PHE A 83 -21.35 -2.56 0.36
CA PHE A 83 -20.52 -1.43 0.85
C PHE A 83 -21.11 -0.88 2.18
N ALA A 84 -20.69 0.32 2.62
CA ALA A 84 -21.11 0.86 3.93
C ALA A 84 -22.60 0.80 4.16
N PRO A 85 -23.00 0.28 5.32
CA PRO A 85 -24.41 0.34 5.71
C PRO A 85 -24.68 1.40 6.76
N THR A 86 -25.93 1.85 6.82
CA THR A 86 -26.35 2.75 7.89
C THR A 86 -27.55 2.12 8.58
N ILE A 87 -27.58 2.16 9.92
CA ILE A 87 -28.74 1.67 10.68
C ILE A 87 -29.37 2.83 11.46
N ARG A 88 -30.70 2.91 11.40
CA ARG A 88 -31.47 3.94 12.06
C ARG A 88 -32.72 3.35 12.68
N TYR A 89 -33.15 3.98 13.77
CA TYR A 89 -34.32 3.58 14.54
C TYR A 89 -35.29 4.74 14.64
N ASN A 90 -36.51 4.56 14.11
CA ASN A 90 -37.51 5.60 14.18
C ASN A 90 -38.92 5.04 14.34
N ASP A 91 -39.59 5.45 15.43
CA ASP A 91 -41.02 5.17 15.62
C ASP A 91 -41.26 3.65 15.59
N GLY A 92 -40.47 2.93 16.38
CA GLY A 92 -40.56 1.47 16.48
C GLY A 92 -40.07 0.64 15.31
N VAL A 93 -39.42 1.26 14.33
CA VAL A 93 -38.93 0.56 13.14
C VAL A 93 -37.41 0.77 13.00
N PHE A 94 -36.69 -0.33 12.79
CA PHE A 94 -35.29 -0.30 12.40
C PHE A 94 -35.15 -0.33 10.89
N TYR A 95 -34.18 0.41 10.38
CA TYR A 95 -33.92 0.50 8.95
C TYR A 95 -32.44 0.30 8.76
N MET A 96 -32.07 -0.57 7.82
CA MET A 96 -30.68 -0.73 7.43
C MET A 96 -30.62 -0.41 5.96
N ILE A 97 -29.81 0.59 5.61
CA ILE A 97 -29.73 1.11 4.24
C ILE A 97 -28.28 0.95 3.76
N THR A 98 -28.10 0.42 2.55
CA THR A 98 -26.75 0.12 2.04
C THR A 98 -26.77 0.01 0.53
N THR A 99 -25.60 -0.26 -0.04
CA THR A 99 -25.43 -0.43 -1.47
C THR A 99 -24.91 -1.85 -1.78
N ASN A 100 -25.56 -2.53 -2.73
CA ASN A 100 -25.02 -3.76 -3.33
C ASN A 100 -24.44 -3.35 -4.68
N VAL A 101 -23.13 -3.13 -4.69
CA VAL A 101 -22.48 -2.60 -5.88
C VAL A 101 -22.37 -3.61 -7.03
N SER A 102 -22.32 -4.90 -6.70
CA SER A 102 -22.30 -5.98 -7.71
CA SER A 102 -22.29 -5.97 -7.72
C SER A 102 -23.69 -6.25 -8.27
N GLY A 103 -24.72 -5.72 -7.61
CA GLY A 103 -26.13 -5.97 -7.95
C GLY A 103 -26.86 -4.66 -8.22
N LYS A 104 -28.02 -4.47 -7.59
CA LYS A 104 -28.95 -3.42 -8.03
C LYS A 104 -28.75 -2.05 -7.36
N GLY A 105 -27.74 -1.91 -6.52
CA GLY A 105 -27.41 -0.61 -5.97
C GLY A 105 -28.04 -0.36 -4.61
N ASN A 106 -28.54 0.85 -4.41
CA ASN A 106 -28.99 1.29 -3.09
C ASN A 106 -30.32 0.69 -2.73
N PHE A 107 -30.47 0.25 -1.49
CA PHE A 107 -31.71 -0.33 -1.01
C PHE A 107 -31.68 -0.30 0.48
N LEU A 108 -32.85 -0.50 1.09
CA LEU A 108 -32.94 -0.74 2.53
C LEU A 108 -33.75 -1.99 2.82
N VAL A 109 -33.60 -2.46 4.05
CA VAL A 109 -34.48 -3.44 4.65
C VAL A 109 -34.84 -2.97 6.03
N HIS A 110 -35.97 -3.44 6.53
CA HIS A 110 -36.50 -2.98 7.80
C HIS A 110 -37.14 -4.11 8.59
N THR A 111 -37.32 -3.84 9.89
CA THR A 111 -37.95 -4.76 10.83
C THR A 111 -38.32 -4.03 12.11
N THR A 112 -39.31 -4.57 12.84
CA THR A 112 -39.61 -4.11 14.20
C THR A 112 -38.80 -4.87 15.25
N ASP A 113 -38.14 -5.97 14.86
CA ASP A 113 -37.33 -6.79 15.80
C ASP A 113 -35.96 -7.12 15.18
N PRO A 114 -34.87 -6.48 15.67
CA PRO A 114 -33.52 -6.68 15.10
C PRO A 114 -33.06 -8.13 15.01
N ARG A 115 -33.53 -8.97 15.94
CA ARG A 115 -33.16 -10.39 15.99
CA ARG A 115 -33.16 -10.39 16.01
C ARG A 115 -33.94 -11.27 15.02
N SER A 116 -35.01 -10.74 14.41
CA SER A 116 -35.83 -11.48 13.45
C SER A 116 -35.26 -11.45 12.03
N GLU A 117 -35.96 -12.12 11.13
CA GLU A 117 -35.70 -11.98 9.70
C GLU A 117 -36.18 -10.59 9.25
N TRP A 118 -35.29 -9.83 8.62
CA TRP A 118 -35.61 -8.48 8.13
C TRP A 118 -36.39 -8.61 6.82
N SER A 119 -36.95 -7.51 6.37
CA SER A 119 -37.78 -7.44 5.16
C SER A 119 -37.03 -7.79 3.88
N GLU A 120 -37.79 -7.97 2.82
CA GLU A 120 -37.24 -7.92 1.48
C GLU A 120 -36.64 -6.53 1.15
N PRO A 121 -35.74 -6.46 0.15
CA PRO A 121 -35.14 -5.17 -0.20
C PRO A 121 -36.15 -4.16 -0.72
N VAL A 122 -36.01 -2.91 -0.28
CA VAL A 122 -36.75 -1.79 -0.86
C VAL A 122 -35.74 -1.03 -1.71
N TRP A 123 -35.88 -1.09 -3.03
CA TRP A 123 -34.87 -0.50 -3.92
C TRP A 123 -35.10 1.02 -4.03
N LEU A 124 -34.01 1.79 -4.04
CA LEU A 124 -34.07 3.25 -3.94
C LEU A 124 -33.57 3.93 -5.19
N GLU A 125 -34.10 5.12 -5.49
CA GLU A 125 -33.82 5.80 -6.74
C GLU A 125 -32.49 6.54 -6.74
N GLN A 126 -32.20 7.25 -5.65
CA GLN A 126 -31.01 8.09 -5.62
C GLN A 126 -29.77 7.20 -5.64
N GLY A 127 -28.79 7.61 -6.44
CA GLY A 127 -27.61 6.83 -6.71
C GLY A 127 -26.46 7.08 -5.73
N GLY A 128 -25.25 6.87 -6.23
CA GLY A 128 -24.05 6.92 -5.39
C GLY A 128 -24.03 5.79 -4.38
N ILE A 129 -23.08 5.89 -3.45
CA ILE A 129 -22.95 4.93 -2.35
C ILE A 129 -23.15 5.60 -0.99
N ASP A 130 -22.98 4.81 0.07
CA ASP A 130 -23.07 5.27 1.46
C ASP A 130 -24.38 5.99 1.73
N PRO A 131 -25.51 5.36 1.38
CA PRO A 131 -26.79 5.94 1.68
C PRO A 131 -27.03 5.98 3.19
N SER A 132 -27.68 7.03 3.67
CA SER A 132 -27.98 7.21 5.10
C SER A 132 -29.32 7.90 5.26
N LEU A 133 -29.97 7.67 6.39
CA LEU A 133 -31.27 8.25 6.66
C LEU A 133 -31.29 9.11 7.91
N TYR A 134 -32.13 10.16 7.86
CA TYR A 134 -32.38 11.07 8.95
C TYR A 134 -33.89 11.37 8.99
N PHE A 135 -34.46 11.32 10.18
CA PHE A 135 -35.90 11.48 10.40
C PHE A 135 -36.24 12.76 11.16
N GLU A 136 -37.21 13.51 10.65
CA GLU A 136 -37.76 14.68 11.37
C GLU A 136 -39.18 15.00 10.92
N ASP A 137 -40.05 15.34 11.86
CA ASP A 137 -41.42 15.84 11.58
C ASP A 137 -42.22 14.86 10.74
N GLY A 138 -42.06 13.56 11.01
CA GLY A 138 -42.71 12.52 10.20
C GLY A 138 -42.23 12.36 8.76
N LYS A 139 -41.02 12.85 8.46
CA LYS A 139 -40.43 12.76 7.13
CA LYS A 139 -40.44 12.74 7.12
C LYS A 139 -39.10 12.01 7.23
N CYS A 140 -38.71 11.39 6.11
CA CYS A 140 -37.51 10.57 6.02
C CYS A 140 -36.59 11.15 4.95
N PHE A 141 -35.42 11.60 5.38
CA PHE A 141 -34.47 12.24 4.48
C PHE A 141 -33.35 11.27 4.17
N MET A 142 -33.04 11.13 2.89
CA MET A 142 -31.95 10.27 2.43
C MET A 142 -30.80 11.13 1.91
N VAL A 143 -29.58 10.83 2.38
CA VAL A 143 -28.36 11.29 1.68
C VAL A 143 -27.58 10.14 1.06
N SER A 144 -26.80 10.44 0.01
CA SER A 144 -25.82 9.51 -0.57
C SER A 144 -24.86 10.39 -1.42
N ASN A 145 -23.91 9.81 -2.15
CA ASN A 145 -22.87 10.63 -2.83
C ASN A 145 -22.71 10.49 -4.35
N PRO A 146 -23.80 10.48 -5.12
CA PRO A 146 -23.65 10.39 -6.59
C PRO A 146 -22.80 11.52 -7.24
N ASP A 147 -21.81 11.14 -8.06
CA ASP A 147 -20.81 12.06 -8.68
C ASP A 147 -19.89 12.80 -7.70
N GLY A 148 -19.72 12.24 -6.51
CA GLY A 148 -18.89 12.89 -5.50
C GLY A 148 -19.50 14.13 -4.87
N TYR A 149 -20.80 14.35 -5.07
CA TYR A 149 -21.55 15.37 -4.35
C TYR A 149 -22.51 14.66 -3.40
N ILE A 150 -22.55 15.15 -2.17
CA ILE A 150 -23.54 14.68 -1.22
C ILE A 150 -24.89 15.23 -1.69
N ASN A 151 -25.84 14.35 -1.93
CA ASN A 151 -27.16 14.73 -2.39
C ASN A 151 -28.17 14.41 -1.32
N LEU A 152 -29.17 15.28 -1.16
CA LEU A 152 -30.28 15.10 -0.21
C LEU A 152 -31.59 14.91 -0.98
N CYS A 153 -32.46 14.04 -0.46
CA CYS A 153 -33.85 13.96 -0.92
C CYS A 153 -34.73 13.45 0.20
N GLU A 154 -36.03 13.44 -0.06
CA GLU A 154 -37.00 12.85 0.84
CA GLU A 154 -37.03 12.86 0.83
C GLU A 154 -37.51 11.57 0.18
N ILE A 155 -37.70 10.53 0.98
CA ILE A 155 -38.23 9.24 0.52
C ILE A 155 -39.33 8.72 1.45
N ASP A 156 -40.18 7.84 0.91
CA ASP A 156 -41.04 6.99 1.75
C ASP A 156 -40.23 5.72 1.91
N PRO A 157 -39.76 5.41 3.15
CA PRO A 157 -38.83 4.29 3.32
C PRO A 157 -39.48 2.91 3.20
N MET A 158 -40.81 2.84 3.35
CA MET A 158 -41.53 1.57 3.17
CA MET A 158 -41.54 1.58 3.17
C MET A 158 -41.65 1.21 1.69
N THR A 159 -42.02 2.18 0.85
CA THR A 159 -42.19 1.90 -0.60
C THR A 159 -40.93 2.16 -1.43
N GLY A 160 -39.96 2.90 -0.90
CA GLY A 160 -38.78 3.34 -1.68
C GLY A 160 -39.02 4.51 -2.62
N LYS A 161 -40.21 5.11 -2.58
CA LYS A 161 -40.56 6.17 -3.51
C LYS A 161 -39.83 7.45 -3.12
N GLN A 162 -39.19 8.10 -4.09
CA GLN A 162 -38.56 9.39 -3.82
C GLN A 162 -39.63 10.48 -3.93
N LEU A 163 -39.77 11.27 -2.86
CA LEU A 163 -40.82 12.27 -2.71
C LEU A 163 -40.41 13.71 -3.05
N SER A 164 -39.11 14.00 -3.09
CA SER A 164 -38.60 15.29 -3.57
C SER A 164 -37.40 15.09 -4.48
N SER A 165 -37.05 16.12 -5.26
CA SER A 165 -35.89 16.06 -6.15
CA SER A 165 -35.88 16.08 -6.15
C SER A 165 -34.61 16.02 -5.34
N SER A 166 -33.57 15.46 -5.94
CA SER A 166 -32.27 15.38 -5.30
C SER A 166 -31.63 16.76 -5.35
N LYS A 167 -31.05 17.23 -4.25
CA LYS A 167 -30.36 18.52 -4.19
C LYS A 167 -28.94 18.25 -3.71
N ARG A 168 -27.98 18.90 -4.34
CA ARG A 168 -26.60 18.83 -3.88
C ARG A 168 -26.46 19.73 -2.64
N ILE A 169 -25.83 19.27 -1.55
N ILE A 169 -26.13 19.07 -1.54
CA ILE A 169 -25.81 20.12 -0.31
CA ILE A 169 -25.67 19.71 -0.36
C ILE A 169 -24.48 20.68 0.25
C ILE A 169 -24.31 19.13 -0.22
N TRP A 170 -23.38 19.98 0.13
CA TRP A 170 -21.95 19.93 0.42
C TRP A 170 -21.16 18.91 -0.43
N ASN A 171 -19.91 19.23 -0.70
CA ASN A 171 -19.00 18.26 -1.27
C ASN A 171 -17.71 18.23 -0.48
N GLY A 172 -17.81 18.51 0.82
CA GLY A 172 -16.68 18.47 1.75
C GLY A 172 -15.74 19.66 1.66
N THR A 173 -14.62 19.56 2.36
CA THR A 173 -13.63 20.64 2.44
C THR A 173 -12.68 20.67 1.24
N GLY A 174 -12.72 19.64 0.39
CA GLY A 174 -11.86 19.57 -0.80
C GLY A 174 -11.01 18.32 -0.83
N GLY A 175 -10.97 17.57 0.28
CA GLY A 175 -10.30 16.26 0.35
C GLY A 175 -10.88 15.26 -0.62
N ARG A 176 -10.13 14.21 -0.92
CA ARG A 176 -10.62 13.20 -1.87
C ARG A 176 -11.77 12.35 -1.33
N TYR A 177 -12.59 11.86 -2.24
CA TYR A 177 -13.65 10.89 -1.96
C TYR A 177 -14.56 11.24 -0.79
N ALA A 178 -15.22 12.39 -0.91
CA ALA A 178 -16.25 12.80 0.03
C ALA A 178 -17.30 11.70 0.07
N GLU A 179 -17.53 11.14 1.25
CA GLU A 179 -18.40 9.96 1.38
C GLU A 179 -18.88 9.77 2.84
N GLY A 180 -19.59 8.67 3.12
CA GLY A 180 -20.16 8.41 4.43
C GLY A 180 -20.98 9.55 5.07
N PRO A 181 -21.84 10.23 4.27
CA PRO A 181 -22.60 11.35 4.83
C PRO A 181 -23.66 10.92 5.88
N HIS A 182 -23.72 11.64 6.99
CA HIS A 182 -24.78 11.51 7.99
C HIS A 182 -25.25 12.89 8.45
N ILE A 183 -26.57 13.08 8.52
CA ILE A 183 -27.16 14.30 9.07
C ILE A 183 -27.59 14.05 10.52
N TYR A 184 -27.30 15.04 11.37
CA TYR A 184 -27.78 15.11 12.73
C TYR A 184 -28.31 16.53 12.96
N LYS A 185 -29.28 16.68 13.85
CA LYS A 185 -29.76 18.00 14.25
C LYS A 185 -29.46 18.24 15.74
N LYS A 186 -28.84 19.38 16.05
CA LYS A 186 -28.49 19.73 17.43
C LYS A 186 -28.37 21.25 17.56
N ASP A 187 -28.93 21.79 18.64
CA ASP A 187 -28.87 23.21 18.96
C ASP A 187 -29.35 24.12 17.82
N GLY A 188 -30.37 23.67 17.10
CA GLY A 188 -30.90 24.41 15.95
C GLY A 188 -30.04 24.41 14.68
N TRP A 189 -29.06 23.50 14.59
CA TRP A 189 -28.20 23.34 13.42
C TRP A 189 -28.39 21.93 12.84
N TYR A 190 -28.44 21.83 11.51
CA TYR A 190 -28.20 20.58 10.81
C TYR A 190 -26.71 20.40 10.67
N TYR A 191 -26.17 19.32 11.22
CA TYR A 191 -24.76 18.97 11.10
C TYR A 191 -24.65 17.85 10.07
N LEU A 192 -23.70 18.00 9.14
CA LEU A 192 -23.40 16.99 8.14
C LEU A 192 -21.99 16.49 8.39
N LEU A 193 -21.89 15.23 8.78
CA LEU A 193 -20.62 14.57 9.04
CA LEU A 193 -20.62 14.56 9.05
C LEU A 193 -20.29 13.69 7.85
N ILE A 194 -19.06 13.80 7.35
CA ILE A 194 -18.60 12.97 6.23
C ILE A 194 -17.18 12.47 6.45
N SER A 195 -16.76 11.58 5.55
CA SER A 195 -15.37 11.16 5.43
C SER A 195 -14.73 11.75 4.22
N GLU A 196 -13.46 12.11 4.35
CA GLU A 196 -12.64 12.55 3.23
C GLU A 196 -11.32 11.84 3.29
N GLY A 197 -10.57 11.95 2.21
CA GLY A 197 -9.17 11.51 2.22
C GLY A 197 -8.98 10.06 1.84
N GLY A 198 -10.08 9.33 1.61
CA GLY A 198 -10.02 7.92 1.27
C GLY A 198 -9.84 7.03 2.50
N THR A 199 -10.29 5.78 2.41
CA THR A 199 -10.24 4.86 3.58
C THR A 199 -8.86 4.23 3.89
N GLU A 200 -7.76 4.80 3.36
CA GLU A 200 -6.40 4.33 3.64
C GLU A 200 -5.72 5.36 4.57
N LEU A 201 -4.43 5.69 4.39
CA LEU A 201 -3.72 6.50 5.40
C LEU A 201 -4.15 7.96 5.47
N GLY A 202 -4.89 8.45 4.46
CA GLY A 202 -5.36 9.83 4.43
C GLY A 202 -6.72 10.02 5.09
N HIS A 203 -7.35 8.92 5.51
CA HIS A 203 -8.74 9.01 6.08
C HIS A 203 -8.92 10.11 7.12
N LYS A 204 -10.01 10.86 7.00
CA LYS A 204 -10.32 11.89 7.98
C LYS A 204 -11.80 12.15 8.05
N VAL A 205 -12.23 12.53 9.24
CA VAL A 205 -13.63 12.89 9.49
C VAL A 205 -13.74 14.43 9.48
N THR A 206 -14.67 14.94 8.68
CA THR A 206 -14.94 16.37 8.62
C THR A 206 -16.44 16.60 8.88
N ILE A 207 -16.78 17.85 9.23
CA ILE A 207 -18.13 18.20 9.61
C ILE A 207 -18.46 19.65 9.21
N ALA A 208 -19.71 19.85 8.82
CA ALA A 208 -20.22 21.17 8.43
C ALA A 208 -21.59 21.35 9.04
N ARG A 209 -22.11 22.58 9.02
CA ARG A 209 -23.44 22.82 9.55
C ARG A 209 -24.20 23.93 8.84
N SER A 210 -25.51 23.91 9.01
CA SER A 210 -26.37 24.89 8.40
C SER A 210 -27.66 25.00 9.22
N ARG A 211 -28.32 26.16 9.15
CA ARG A 211 -29.62 26.31 9.80
C ARG A 211 -30.72 25.61 8.99
N TYR A 212 -30.43 25.33 7.73
CA TYR A 212 -31.36 24.62 6.84
C TYR A 212 -30.79 23.26 6.39
N ILE A 213 -31.66 22.25 6.33
CA ILE A 213 -31.21 20.89 5.98
C ILE A 213 -30.59 20.88 4.57
N ASP A 214 -31.09 21.74 3.69
CA ASP A 214 -30.61 21.84 2.33
C ASP A 214 -29.56 22.94 2.09
N GLY A 215 -28.89 23.38 3.16
CA GLY A 215 -27.75 24.26 3.01
C GLY A 215 -28.10 25.74 3.05
N PRO A 216 -27.11 26.64 2.94
CA PRO A 216 -25.73 26.29 2.64
C PRO A 216 -24.98 25.79 3.87
N TYR A 217 -24.18 24.72 3.70
CA TYR A 217 -23.38 24.16 4.80
C TYR A 217 -22.04 24.86 4.86
N GLN A 218 -21.61 25.17 6.09
CA GLN A 218 -20.31 25.78 6.32
CA GLN A 218 -20.31 25.79 6.35
C GLN A 218 -19.48 24.81 7.13
N GLY A 219 -18.22 24.62 6.72
CA GLY A 219 -17.35 23.66 7.35
C GLY A 219 -16.84 24.19 8.66
N ASN A 220 -16.61 23.27 9.58
CA ASN A 220 -15.97 23.56 10.87
C ASN A 220 -14.60 24.15 10.54
N PRO A 221 -14.30 25.39 11.00
CA PRO A 221 -12.93 25.92 10.88
C PRO A 221 -11.83 24.99 11.46
N ALA A 222 -12.18 24.15 12.43
CA ALA A 222 -11.22 23.20 13.02
C ALA A 222 -11.11 21.86 12.28
N ASN A 223 -11.71 21.70 11.11
CA ASN A 223 -11.65 20.41 10.38
C ASN A 223 -10.21 20.01 10.06
N PRO A 224 -9.90 18.71 10.03
CA PRO A 224 -10.80 17.60 10.37
C PRO A 224 -10.91 17.40 11.88
N ILE A 225 -12.04 16.87 12.32
CA ILE A 225 -12.25 16.55 13.73
C ILE A 225 -11.67 15.20 14.16
N LEU A 226 -11.37 14.32 13.23
CA LEU A 226 -10.68 13.04 13.56
C LEU A 226 -9.81 12.62 12.40
N THR A 227 -8.51 12.45 12.64
CA THR A 227 -7.62 11.88 11.67
C THR A 227 -6.31 11.51 12.31
N HIS A 228 -5.70 10.41 11.84
CA HIS A 228 -4.28 10.13 12.14
C HIS A 228 -3.35 10.47 10.99
N ALA A 229 -3.90 11.04 9.93
CA ALA A 229 -3.11 11.39 8.75
C ALA A 229 -2.07 12.50 9.00
N ASN A 230 -2.25 13.31 10.06
CA ASN A 230 -1.35 14.46 10.27
C ASN A 230 -0.20 14.14 11.19
N GLU A 231 0.65 15.12 11.44
CA GLU A 231 1.77 14.91 12.34
C GLU A 231 1.36 14.31 13.67
N SER A 232 0.21 14.72 14.21
CA SER A 232 -0.26 14.20 15.50
C SER A 232 -0.54 12.69 15.50
N GLY A 233 -0.80 12.12 14.33
CA GLY A 233 -1.07 10.69 14.20
C GLY A 233 -0.02 9.84 13.55
N GLN A 234 1.05 10.43 13.03
CA GLN A 234 1.98 9.68 12.21
C GLN A 234 2.65 8.49 12.90
N SER A 235 2.84 8.56 14.22
CA SER A 235 3.49 7.51 14.99
CA SER A 235 3.49 7.50 14.98
C SER A 235 2.51 6.48 15.56
N SER A 236 1.22 6.69 15.37
CA SER A 236 0.22 5.81 15.97
C SER A 236 0.24 4.40 15.34
N PRO A 237 0.05 3.37 16.17
CA PRO A 237 -0.18 2.02 15.62
C PRO A 237 -1.55 1.88 14.93
N ILE A 238 -2.42 2.86 15.12
CA ILE A 238 -3.71 2.96 14.42
C ILE A 238 -3.61 3.97 13.29
N GLN A 239 -4.18 3.62 12.15
CA GLN A 239 -4.17 4.47 11.00
C GLN A 239 -5.52 4.36 10.27
N GLY A 240 -5.78 5.31 9.39
CA GLY A 240 -6.96 5.30 8.54
C GLY A 240 -8.24 5.50 9.31
N THR A 241 -8.25 6.40 10.30
CA THR A 241 -9.46 6.70 11.10
C THR A 241 -10.50 7.50 10.30
N GLY A 242 -11.70 6.96 10.17
CA GLY A 242 -12.75 7.65 9.47
C GLY A 242 -14.03 6.85 9.36
N HIS A 243 -14.91 7.32 8.51
CA HIS A 243 -16.23 6.70 8.33
C HIS A 243 -16.97 6.55 9.65
N ALA A 244 -17.18 7.70 10.31
CA ALA A 244 -17.75 7.79 11.65
C ALA A 244 -19.25 7.94 11.65
N ASP A 245 -19.84 7.73 12.83
CA ASP A 245 -21.28 7.90 13.06
C ASP A 245 -21.39 8.32 14.51
N LEU A 246 -21.95 9.51 14.75
CA LEU A 246 -22.18 10.07 16.08
C LEU A 246 -23.37 9.44 16.79
N VAL A 247 -23.24 9.26 18.09
CA VAL A 247 -24.31 8.65 18.89
C VAL A 247 -24.27 9.18 20.32
N GLU A 248 -25.47 9.31 20.90
CA GLU A 248 -25.66 9.87 22.23
C GLU A 248 -25.57 8.76 23.28
N GLY A 249 -24.83 9.04 24.35
CA GLY A 249 -24.75 8.16 25.50
C GLY A 249 -26.06 8.23 26.29
N THR A 250 -26.33 7.19 27.08
CA THR A 250 -27.53 7.16 27.94
C THR A 250 -27.49 8.24 29.03
N ASP A 251 -26.29 8.71 29.37
CA ASP A 251 -26.09 9.77 30.38
C ASP A 251 -25.98 11.19 29.79
N GLY A 252 -26.27 11.35 28.50
CA GLY A 252 -26.16 12.63 27.80
C GLY A 252 -24.80 12.93 27.18
N SER A 253 -23.80 12.08 27.42
CA SER A 253 -22.49 12.22 26.77
C SER A 253 -22.60 11.88 25.28
N TRP A 254 -21.53 12.18 24.54
CA TRP A 254 -21.47 11.95 23.10
C TRP A 254 -20.27 11.10 22.73
N TRP A 255 -20.46 10.31 21.68
CA TRP A 255 -19.52 9.30 21.22
C TRP A 255 -19.56 9.19 19.69
N MET A 256 -18.48 8.68 19.10
CA MET A 256 -18.53 8.23 17.71
C MET A 256 -17.90 6.84 17.60
N VAL A 257 -18.51 6.04 16.76
CA VAL A 257 -17.89 4.83 16.26
C VAL A 257 -17.29 5.18 14.91
N CYS A 258 -16.13 4.60 14.61
CA CYS A 258 -15.46 4.80 13.33
C CYS A 258 -14.67 3.57 12.92
N LEU A 259 -14.23 3.53 11.67
CA LEU A 259 -13.28 2.50 11.22
C LEU A 259 -11.86 3.04 11.39
N ALA A 260 -10.92 2.11 11.46
CA ALA A 260 -9.46 2.35 11.42
C ALA A 260 -8.82 0.99 11.24
N TYR A 261 -7.50 0.93 11.17
CA TYR A 261 -6.81 -0.35 11.11
C TYR A 261 -5.50 -0.26 11.84
N ARG A 262 -4.99 -1.44 12.19
CA ARG A 262 -3.73 -1.55 12.90
C ARG A 262 -2.63 -1.96 11.92
N ILE A 263 -1.65 -1.08 11.82
CA ILE A 263 -0.60 -1.26 10.82
CA ILE A 263 -0.57 -1.19 10.86
C ILE A 263 0.44 -2.28 11.26
N MET A 264 1.10 -2.86 10.25
CA MET A 264 2.08 -3.95 10.41
C MET A 264 3.31 -3.48 9.63
N PRO A 265 4.47 -4.13 9.85
CA PRO A 265 5.72 -3.69 9.14
C PRO A 265 5.61 -3.55 7.61
N GLY A 266 6.19 -2.47 7.08
CA GLY A 266 6.02 -2.10 5.67
C GLY A 266 4.69 -1.46 5.30
N THR A 267 3.90 -1.07 6.28
CA THR A 267 2.58 -0.47 6.07
C THR A 267 1.62 -1.49 5.45
N HIS A 268 1.27 -2.47 6.26
CA HIS A 268 0.34 -3.56 5.89
C HIS A 268 -0.74 -3.74 6.95
N HIS A 269 -1.92 -4.15 6.53
CA HIS A 269 -2.96 -4.54 7.50
C HIS A 269 -3.75 -5.73 6.96
N THR A 270 -3.80 -6.78 7.78
CA THR A 270 -4.44 -8.06 7.43
C THR A 270 -5.75 -8.32 8.16
N LEU A 271 -6.00 -7.61 9.26
CA LEU A 271 -7.19 -7.80 10.08
C LEU A 271 -8.38 -7.00 9.57
N GLY A 272 -8.26 -6.41 8.37
CA GLY A 272 -9.31 -5.54 7.84
C GLY A 272 -9.42 -4.24 8.60
N ARG A 273 -10.43 -3.46 8.22
CA ARG A 273 -10.76 -2.26 8.95
C ARG A 273 -11.74 -2.67 10.05
N GLU A 274 -11.42 -2.28 11.29
CA GLU A 274 -12.11 -2.70 12.49
C GLU A 274 -12.91 -1.55 13.06
N THR A 275 -13.78 -1.84 14.01
CA THR A 275 -14.64 -0.81 14.58
C THR A 275 -14.02 -0.24 15.86
N TYR A 276 -13.89 1.08 15.89
CA TYR A 276 -13.28 1.82 17.00
C TYR A 276 -14.29 2.76 17.66
N LEU A 277 -13.99 3.18 18.89
CA LEU A 277 -14.87 4.08 19.64
C LEU A 277 -14.07 5.28 20.14
N ALA A 278 -14.64 6.48 19.98
CA ALA A 278 -14.05 7.72 20.53
C ALA A 278 -15.07 8.53 21.34
N PRO A 279 -14.66 9.08 22.50
CA PRO A 279 -15.48 10.05 23.20
C PRO A 279 -15.48 11.38 22.45
N VAL A 280 -16.62 12.06 22.51
CA VAL A 280 -16.80 13.35 21.83
C VAL A 280 -17.33 14.38 22.81
N ARG A 281 -16.63 15.50 22.91
CA ARG A 281 -17.11 16.69 23.63
C ARG A 281 -18.04 17.44 22.71
N TRP A 282 -19.30 17.65 23.12
CA TRP A 282 -20.23 18.41 22.29
C TRP A 282 -21.10 19.35 23.13
N ASP A 283 -20.49 20.45 23.58
CA ASP A 283 -21.21 21.46 24.34
C ASP A 283 -22.34 22.10 23.54
N LYS A 284 -23.26 22.71 24.26
CA LYS A 284 -24.36 23.47 23.67
C LYS A 284 -23.80 24.62 22.82
N ASP A 285 -24.27 24.67 21.57
CA ASP A 285 -23.90 25.68 20.58
C ASP A 285 -22.44 25.63 20.11
N ALA A 286 -21.75 24.54 20.44
CA ALA A 286 -20.35 24.34 20.03
C ALA A 286 -20.26 23.28 18.95
N TRP A 287 -19.14 23.31 18.23
CA TRP A 287 -18.76 22.21 17.36
C TRP A 287 -18.29 21.04 18.22
N PRO A 288 -18.47 19.81 17.72
CA PRO A 288 -17.95 18.64 18.42
C PRO A 288 -16.44 18.57 18.34
N VAL A 289 -15.80 18.15 19.41
CA VAL A 289 -14.38 17.85 19.45
C VAL A 289 -14.21 16.35 19.85
N VAL A 290 -13.44 15.62 19.07
CA VAL A 290 -13.24 14.17 19.30
C VAL A 290 -12.00 13.94 20.13
N ASN A 291 -12.20 13.46 21.36
CA ASN A 291 -11.13 13.01 22.24
C ASN A 291 -10.00 14.04 22.35
N SER A 292 -10.39 15.30 22.59
CA SER A 292 -9.46 16.42 22.78
C SER A 292 -8.66 16.87 21.56
N ASN A 293 -7.97 15.96 20.89
CA ASN A 293 -7.08 16.31 19.79
C ASN A 293 -7.31 15.58 18.45
N GLY A 294 -8.51 15.03 18.27
CA GLY A 294 -8.83 14.36 17.01
C GLY A 294 -7.99 13.11 16.70
N THR A 295 -7.53 12.44 17.76
CA THR A 295 -6.87 11.12 17.64
C THR A 295 -7.49 10.13 18.66
N ILE A 296 -7.14 8.85 18.54
CA ILE A 296 -7.59 7.77 19.40
C ILE A 296 -6.39 6.86 19.64
N SER A 297 -6.52 6.03 20.68
CA SER A 297 -5.44 5.14 21.11
CA SER A 297 -5.44 5.14 21.10
C SER A 297 -5.96 3.74 21.39
N LEU A 298 -5.02 2.80 21.47
CA LEU A 298 -5.36 1.41 21.77
C LEU A 298 -5.91 1.33 23.20
N LYS A 299 -5.25 2.00 24.15
CA LYS A 299 -5.76 2.14 25.51
C LYS A 299 -6.41 3.52 25.69
N MET A 300 -7.73 3.51 25.90
CA MET A 300 -8.52 4.72 26.09
C MET A 300 -8.86 4.92 27.57
N ASP A 301 -8.08 5.79 28.22
CA ASP A 301 -8.24 6.11 29.63
C ASP A 301 -9.21 7.28 29.78
N VAL A 302 -10.49 6.96 29.64
CA VAL A 302 -11.53 7.96 29.62
C VAL A 302 -12.75 7.40 30.36
N PRO A 303 -13.61 8.28 30.90
CA PRO A 303 -14.90 7.82 31.44
C PRO A 303 -15.74 7.14 30.34
N THR A 304 -16.62 6.24 30.75
CA THR A 304 -17.50 5.51 29.85
C THR A 304 -18.88 5.44 30.47
N LEU A 305 -19.84 5.00 29.68
CA LEU A 305 -21.11 4.52 30.20
C LEU A 305 -20.83 3.30 31.09
N PRO A 306 -21.73 2.99 32.06
CA PRO A 306 -21.49 1.84 32.93
C PRO A 306 -21.35 0.56 32.11
N GLN A 307 -20.27 -0.18 32.33
CA GLN A 307 -19.88 -1.27 31.41
C GLN A 307 -20.54 -2.61 31.74
N GLN A 308 -21.07 -3.28 30.70
CA GLN A 308 -21.66 -4.62 30.81
C GLN A 308 -21.03 -5.52 29.76
N GLU A 309 -20.27 -6.52 30.19
CA GLU A 309 -19.66 -7.49 29.27
C GLU A 309 -20.71 -8.31 28.55
N MET A 310 -20.40 -8.69 27.31
CA MET A 310 -21.33 -9.44 26.47
C MET A 310 -20.71 -10.76 26.04
N LYS A 311 -21.54 -11.63 25.45
CA LYS A 311 -21.11 -12.92 24.94
C LYS A 311 -20.15 -12.74 23.75
N GLY A 312 -19.07 -13.52 23.72
CA GLY A 312 -18.09 -13.46 22.62
C GLY A 312 -17.84 -14.83 22.00
N ARG A 313 -16.81 -14.90 21.15
CA ARG A 313 -16.51 -16.11 20.40
C ARG A 313 -15.97 -17.19 21.35
N PRO A 314 -16.60 -18.38 21.38
CA PRO A 314 -16.04 -19.40 22.28
C PRO A 314 -14.64 -19.84 21.85
N GLU A 315 -13.79 -20.19 22.79
CA GLU A 315 -12.47 -20.70 22.45
C GLU A 315 -12.51 -22.06 21.73
N ARG A 316 -13.58 -22.82 21.97
CA ARG A 316 -13.82 -24.10 21.33
C ARG A 316 -15.28 -24.14 20.86
N ILE A 317 -15.51 -23.93 19.58
CA ILE A 317 -16.89 -23.97 19.10
CA ILE A 317 -16.87 -23.97 19.02
C ILE A 317 -17.20 -25.40 18.65
N ASP A 318 -18.34 -25.92 19.11
CA ASP A 318 -18.78 -27.25 18.74
C ASP A 318 -20.06 -27.08 17.92
N PHE A 319 -20.45 -28.13 17.24
CA PHE A 319 -21.58 -28.09 16.31
C PHE A 319 -22.74 -28.99 16.78
N LYS A 320 -22.80 -29.24 18.09
CA LYS A 320 -23.80 -30.10 18.73
C LYS A 320 -25.23 -29.54 18.65
N GLU A 321 -25.38 -28.21 18.66
CA GLU A 321 -26.70 -27.55 18.54
C GLU A 321 -27.23 -27.53 17.09
N GLY A 322 -26.40 -27.90 16.12
CA GLY A 322 -26.83 -28.00 14.73
C GLY A 322 -27.13 -26.68 14.02
N LYS A 323 -26.47 -25.59 14.47
CA LYS A 323 -26.64 -24.25 13.88
C LYS A 323 -25.32 -23.47 13.96
N LEU A 324 -24.84 -22.94 12.84
CA LEU A 324 -23.68 -22.04 12.90
C LEU A 324 -24.14 -20.70 13.53
N SER A 325 -23.28 -20.11 14.34
CA SER A 325 -23.57 -18.78 14.91
C SER A 325 -23.55 -17.70 13.81
N PRO A 326 -24.06 -16.49 14.11
CA PRO A 326 -23.98 -15.38 13.16
C PRO A 326 -22.56 -15.03 12.67
N GLU A 327 -21.53 -15.38 13.43
CA GLU A 327 -20.14 -15.05 13.03
C GLU A 327 -19.64 -15.74 11.74
N TRP A 328 -20.18 -16.92 11.42
CA TRP A 328 -19.72 -17.69 10.28
C TRP A 328 -20.19 -17.11 8.94
N ILE A 329 -19.27 -17.07 7.98
CA ILE A 329 -19.53 -16.49 6.66
C ILE A 329 -19.03 -17.35 5.53
N HIS A 330 -19.77 -17.29 4.42
CA HIS A 330 -19.48 -18.02 3.18
C HIS A 330 -19.03 -17.05 2.10
N LEU A 331 -18.48 -17.58 1.02
CA LEU A 331 -18.11 -16.77 -0.13
C LEU A 331 -19.29 -16.72 -1.09
N GLN A 332 -19.71 -15.49 -1.43
CA GLN A 332 -20.85 -15.26 -2.34
C GLN A 332 -22.10 -15.98 -1.80
N ASN A 333 -23.05 -16.41 -2.65
CA ASN A 333 -24.24 -17.09 -2.19
C ASN A 333 -23.94 -18.58 -2.07
N PRO A 334 -24.00 -19.16 -0.85
CA PRO A 334 -23.58 -20.55 -0.70
C PRO A 334 -24.55 -21.57 -1.28
N GLU A 335 -24.03 -22.75 -1.62
CA GLU A 335 -24.87 -23.93 -1.92
C GLU A 335 -25.23 -24.54 -0.58
N ALA A 336 -26.38 -24.16 -0.05
CA ALA A 336 -26.78 -24.48 1.32
C ALA A 336 -26.79 -25.99 1.64
N LYS A 337 -27.11 -26.84 0.66
CA LYS A 337 -27.14 -28.30 0.87
C LYS A 337 -25.78 -28.92 1.19
N ASN A 338 -24.70 -28.22 0.88
CA ASN A 338 -23.35 -28.72 1.13
C ASN A 338 -22.80 -28.50 2.54
N TYR A 339 -23.61 -27.91 3.43
CA TYR A 339 -23.24 -27.70 4.82
C TYR A 339 -24.32 -28.39 5.63
N ILE A 340 -23.96 -29.48 6.33
CA ILE A 340 -24.93 -30.23 7.12
C ILE A 340 -24.30 -30.64 8.46
N PHE A 341 -25.18 -31.04 9.38
CA PHE A 341 -24.78 -31.43 10.74
C PHE A 341 -25.05 -32.92 10.94
N THR A 342 -24.06 -33.62 11.46
CA THR A 342 -24.14 -35.09 11.54
C THR A 342 -24.85 -35.51 12.80
N LYS A 343 -25.21 -36.81 12.83
CA LYS A 343 -25.87 -37.45 13.97
C LYS A 343 -25.12 -37.22 15.27
N ASP A 344 -23.79 -37.36 15.21
CA ASP A 344 -22.92 -37.15 16.38
C ASP A 344 -22.42 -35.70 16.53
N GLY A 345 -23.17 -34.73 15.99
CA GLY A 345 -22.92 -33.31 16.24
C GLY A 345 -21.65 -32.70 15.65
N LYS A 346 -21.24 -33.16 14.46
CA LYS A 346 -20.11 -32.56 13.75
C LYS A 346 -20.60 -31.70 12.59
N LEU A 347 -19.73 -30.79 12.12
CA LEU A 347 -20.01 -30.05 10.89
C LEU A 347 -19.56 -30.93 9.73
N ARG A 348 -20.47 -31.22 8.81
CA ARG A 348 -20.13 -31.98 7.60
C ARG A 348 -20.17 -31.10 6.34
N LEU A 349 -19.02 -30.99 5.66
CA LEU A 349 -18.90 -30.25 4.41
C LEU A 349 -18.84 -31.19 3.22
N ILE A 350 -19.76 -30.99 2.28
CA ILE A 350 -19.87 -31.84 1.10
C ILE A 350 -19.00 -31.23 0.00
N ALA A 351 -18.16 -32.05 -0.62
CA ALA A 351 -17.24 -31.56 -1.64
C ALA A 351 -17.94 -31.14 -2.94
N THR A 352 -17.33 -30.15 -3.58
CA THR A 352 -17.64 -29.81 -4.96
C THR A 352 -16.29 -29.64 -5.61
N PRO A 353 -16.23 -29.65 -6.94
CA PRO A 353 -14.96 -29.35 -7.62
C PRO A 353 -14.44 -27.89 -7.52
N VAL A 354 -15.25 -26.98 -6.97
CA VAL A 354 -14.91 -25.57 -6.90
C VAL A 354 -13.73 -25.37 -5.94
N THR A 355 -12.60 -24.88 -6.44
CA THR A 355 -11.45 -24.56 -5.59
C THR A 355 -11.67 -23.22 -4.87
N LEU A 356 -10.70 -22.80 -4.06
CA LEU A 356 -10.73 -21.46 -3.44
C LEU A 356 -10.21 -20.35 -4.35
N SER A 357 -9.82 -20.69 -5.58
CA SER A 357 -9.33 -19.73 -6.56
C SER A 357 -10.23 -19.61 -7.79
N ASP A 358 -11.47 -20.10 -7.71
CA ASP A 358 -12.36 -20.11 -8.88
C ASP A 358 -13.27 -18.88 -9.03
N TRP A 359 -13.23 -17.95 -8.08
CA TRP A 359 -14.09 -16.75 -8.10
C TRP A 359 -15.60 -17.09 -8.06
N LYS A 360 -15.91 -18.29 -7.56
CA LYS A 360 -17.29 -18.75 -7.33
C LYS A 360 -17.37 -19.28 -5.89
N SER A 361 -18.57 -19.58 -5.38
CA SER A 361 -18.69 -20.08 -4.00
C SER A 361 -18.19 -21.53 -3.89
N PRO A 362 -17.13 -21.79 -3.11
CA PRO A 362 -16.78 -23.17 -2.80
C PRO A 362 -17.53 -23.64 -1.55
N THR A 363 -17.43 -24.92 -1.23
CA THR A 363 -17.85 -25.40 0.07
C THR A 363 -16.77 -24.88 1.03
N PHE A 364 -17.12 -23.79 1.70
CA PHE A 364 -16.18 -22.94 2.46
C PHE A 364 -17.02 -22.17 3.45
N VAL A 365 -16.63 -22.19 4.73
CA VAL A 365 -17.30 -21.45 5.76
C VAL A 365 -16.24 -20.99 6.77
N ALA A 366 -16.30 -19.72 7.15
CA ALA A 366 -15.16 -19.06 7.83
C ALA A 366 -15.49 -18.12 8.97
N LEU A 367 -14.48 -17.88 9.82
CA LEU A 367 -14.55 -16.90 10.89
C LEU A 367 -13.45 -15.87 10.65
N ARG A 368 -13.77 -14.61 10.93
CA ARG A 368 -12.82 -13.52 10.75
C ARG A 368 -11.66 -13.69 11.71
N GLN A 369 -10.44 -13.46 11.24
CA GLN A 369 -9.30 -13.39 12.16
C GLN A 369 -9.39 -12.08 12.93
N GLU A 370 -9.27 -12.13 14.25
CA GLU A 370 -9.53 -10.95 15.10
C GLU A 370 -8.35 -10.50 15.96
N HIS A 371 -7.23 -11.20 15.84
CA HIS A 371 -5.99 -10.88 16.56
C HIS A 371 -4.79 -11.11 15.67
N PHE A 372 -3.75 -10.29 15.85
CA PHE A 372 -2.45 -10.57 15.25
C PHE A 372 -1.89 -11.89 15.76
N ASP A 373 -1.95 -12.09 17.08
CA ASP A 373 -1.43 -13.31 17.71
C ASP A 373 -2.59 -14.23 18.04
N MET A 374 -2.67 -15.36 17.35
CA MET A 374 -3.74 -16.31 17.60
C MET A 374 -3.34 -17.72 17.20
N GLU A 375 -4.12 -18.69 17.66
CA GLU A 375 -4.04 -20.06 17.18
C GLU A 375 -5.43 -20.53 16.85
N ALA A 376 -5.57 -21.11 15.67
CA ALA A 376 -6.83 -21.73 15.25
C ALA A 376 -6.54 -23.20 14.90
N SER A 377 -7.49 -24.08 15.18
CA SER A 377 -7.35 -25.48 14.78
C SER A 377 -8.68 -26.18 14.62
N ALA A 378 -8.65 -27.29 13.90
CA ALA A 378 -9.82 -28.13 13.72
C ALA A 378 -9.38 -29.55 13.36
N PRO A 379 -10.11 -30.56 13.87
CA PRO A 379 -9.87 -31.90 13.37
C PRO A 379 -10.58 -32.05 12.03
N VAL A 380 -10.01 -32.86 11.14
CA VAL A 380 -10.52 -33.03 9.77
CA VAL A 380 -10.56 -33.03 9.80
C VAL A 380 -10.60 -34.52 9.45
N VAL A 381 -11.83 -35.02 9.23
CA VAL A 381 -12.03 -36.42 8.85
C VAL A 381 -12.59 -36.49 7.42
N LEU A 382 -11.70 -36.54 6.43
CA LEU A 382 -12.07 -36.67 5.01
C LEU A 382 -12.54 -38.10 4.72
N GLN A 383 -13.71 -38.23 4.08
CA GLN A 383 -14.33 -39.52 3.87
C GLN A 383 -14.87 -39.63 2.47
N LYS A 384 -14.92 -40.87 1.97
CA LYS A 384 -15.42 -41.21 0.65
C LYS A 384 -14.69 -40.44 -0.44
N ALA A 385 -13.38 -40.29 -0.27
CA ALA A 385 -12.59 -39.41 -1.10
C ALA A 385 -11.93 -40.16 -2.24
N GLY A 386 -11.91 -39.55 -3.42
CA GLY A 386 -11.07 -39.99 -4.53
C GLY A 386 -9.71 -39.30 -4.48
N VAL A 387 -8.79 -39.77 -5.30
CA VAL A 387 -7.42 -39.28 -5.28
C VAL A 387 -7.41 -37.77 -5.61
N ASN A 388 -6.68 -37.02 -4.79
CA ASN A 388 -6.53 -35.55 -4.86
C ASN A 388 -7.64 -34.69 -4.24
N ASP A 389 -8.75 -35.31 -3.83
CA ASP A 389 -9.73 -34.59 -3.01
C ASP A 389 -9.01 -34.09 -1.76
N GLU A 390 -9.36 -32.89 -1.29
CA GLU A 390 -8.72 -32.30 -0.11
C GLU A 390 -9.73 -31.59 0.80
N ALA A 391 -9.44 -31.54 2.10
CA ALA A 391 -10.21 -30.74 3.05
C ALA A 391 -9.29 -30.16 4.11
N GLY A 392 -9.61 -28.94 4.56
CA GLY A 392 -8.79 -28.30 5.58
C GLY A 392 -9.20 -26.88 5.93
N ILE A 393 -8.20 -26.07 6.27
CA ILE A 393 -8.36 -24.70 6.72
C ILE A 393 -7.60 -23.79 5.74
N SER A 394 -8.24 -22.69 5.35
CA SER A 394 -7.61 -21.70 4.49
C SER A 394 -7.53 -20.36 5.21
N VAL A 395 -6.34 -19.76 5.17
CA VAL A 395 -6.15 -18.38 5.57
C VAL A 395 -6.41 -17.55 4.33
N PHE A 396 -7.60 -16.95 4.25
CA PHE A 396 -8.15 -16.47 2.98
C PHE A 396 -8.37 -14.95 2.98
N MET A 397 -7.81 -14.25 2.00
CA MET A 397 -8.09 -12.80 1.77
C MET A 397 -8.92 -12.62 0.50
N GLU A 398 -8.46 -13.19 -0.59
CA GLU A 398 -9.14 -13.14 -1.89
C GLU A 398 -8.86 -14.41 -2.70
N PHE A 399 -9.68 -14.63 -3.73
CA PHE A 399 -9.55 -15.78 -4.62
C PHE A 399 -8.15 -15.94 -5.21
N HIS A 400 -7.39 -14.84 -5.30
CA HIS A 400 -5.98 -14.91 -5.73
C HIS A 400 -4.95 -14.82 -4.62
N SER A 401 -5.39 -14.86 -3.37
CA SER A 401 -4.54 -14.57 -2.21
C SER A 401 -5.02 -15.37 -1.00
N HIS A 402 -4.50 -16.60 -0.85
CA HIS A 402 -4.88 -17.46 0.27
C HIS A 402 -3.85 -18.56 0.49
N TYR A 403 -3.67 -18.92 1.75
CA TYR A 403 -2.79 -20.01 2.15
C TYR A 403 -3.64 -21.17 2.64
N ASP A 404 -3.44 -22.36 2.05
CA ASP A 404 -4.29 -23.52 2.28
C ASP A 404 -3.52 -24.64 2.99
N LEU A 405 -4.05 -25.12 4.10
CA LEU A 405 -3.49 -26.23 4.86
C LEU A 405 -4.55 -27.33 4.82
N PHE A 406 -4.18 -28.53 4.34
CA PHE A 406 -5.19 -29.55 4.08
C PHE A 406 -4.71 -31.01 4.22
N VAL A 407 -5.68 -31.89 4.48
CA VAL A 407 -5.50 -33.33 4.34
C VAL A 407 -5.98 -33.70 2.93
N ARG A 408 -5.12 -34.39 2.19
CA ARG A 408 -5.37 -34.82 0.82
C ARG A 408 -5.39 -36.37 0.74
N GLN A 409 -6.37 -36.87 0.00
CA GLN A 409 -6.42 -38.30 -0.38
C GLN A 409 -5.44 -38.58 -1.51
N ASP A 410 -4.48 -39.47 -1.27
CA ASP A 410 -3.58 -39.97 -2.31
C ASP A 410 -3.99 -41.38 -2.76
N LYS A 411 -3.26 -41.94 -3.73
CA LYS A 411 -3.45 -43.31 -4.20
C LYS A 411 -3.22 -44.35 -3.09
N ASP A 412 -3.88 -45.51 -3.23
CA ASP A 412 -3.68 -46.70 -2.38
C ASP A 412 -4.15 -46.52 -0.92
N ARG A 413 -5.16 -45.68 -0.73
CA ARG A 413 -5.67 -45.32 0.59
C ARG A 413 -4.66 -44.60 1.50
N LYS A 414 -3.62 -44.02 0.91
CA LYS A 414 -2.65 -43.21 1.66
C LYS A 414 -3.17 -41.78 1.68
N ARG A 415 -2.73 -41.04 2.69
CA ARG A 415 -3.06 -39.63 2.82
C ARG A 415 -1.85 -38.80 3.17
N SER A 416 -1.98 -37.51 2.90
CA SER A 416 -0.95 -36.57 3.25
C SER A 416 -1.51 -35.22 3.66
N VAL A 417 -0.65 -34.46 4.34
CA VAL A 417 -0.93 -33.07 4.69
CA VAL A 417 -0.93 -33.08 4.69
C VAL A 417 -0.17 -32.21 3.72
N GLY A 418 -0.86 -31.20 3.18
CA GLY A 418 -0.28 -30.30 2.22
C GLY A 418 -0.44 -28.85 2.68
N LEU A 419 0.46 -28.02 2.15
CA LEU A 419 0.49 -26.60 2.45
C LEU A 419 0.75 -25.89 1.14
N ARG A 420 -0.26 -25.14 0.68
CA ARG A 420 -0.25 -24.50 -0.64
C ARG A 420 -0.53 -22.99 -0.52
N TYR A 421 0.35 -22.17 -1.08
CA TYR A 421 0.19 -20.71 -1.10
C TYR A 421 -0.23 -20.26 -2.48
N LYS A 422 -1.39 -19.60 -2.56
CA LYS A 422 -1.85 -19.01 -3.81
C LYS A 422 -1.67 -17.48 -3.76
N LEU A 423 -0.80 -16.96 -4.64
CA LEU A 423 -0.52 -15.54 -4.77
C LEU A 423 -0.40 -15.20 -6.26
N GLY A 424 -1.51 -14.77 -6.84
CA GLY A 424 -1.58 -14.47 -8.27
C GLY A 424 -1.16 -15.67 -9.08
N GLU A 425 -0.14 -15.51 -9.92
CA GLU A 425 0.34 -16.60 -10.79
C GLU A 425 1.10 -17.70 -10.08
N ILE A 426 1.50 -17.48 -8.82
CA ILE A 426 2.13 -18.51 -8.01
C ILE A 426 1.10 -19.40 -7.30
N THR A 427 1.23 -20.71 -7.53
CA THR A 427 0.57 -21.71 -6.69
CA THR A 427 0.57 -21.73 -6.71
C THR A 427 1.70 -22.61 -6.20
N HIS A 428 2.10 -22.37 -4.94
CA HIS A 428 3.32 -22.94 -4.35
C HIS A 428 3.03 -23.95 -3.27
N TYR A 429 3.43 -25.20 -3.54
CA TYR A 429 3.36 -26.28 -2.57
C TYR A 429 4.56 -26.21 -1.65
N ALA A 430 4.36 -25.70 -0.44
CA ALA A 430 5.45 -25.55 0.52
C ALA A 430 5.82 -26.88 1.17
N LYS A 431 4.81 -27.69 1.48
CA LYS A 431 5.00 -29.02 2.10
C LYS A 431 3.99 -30.04 1.62
N GLU A 432 4.47 -31.28 1.47
CA GLU A 432 3.62 -32.44 1.25
C GLU A 432 4.24 -33.58 2.09
N VAL A 433 3.55 -33.94 3.17
CA VAL A 433 4.08 -34.91 4.14
C VAL A 433 3.10 -36.09 4.28
N SER A 434 3.64 -37.31 4.13
CA SER A 434 2.87 -38.53 4.28
C SER A 434 2.30 -38.66 5.67
N LEU A 435 1.02 -39.06 5.74
CA LEU A 435 0.35 -39.29 7.02
C LEU A 435 0.42 -40.78 7.42
N PRO A 436 0.35 -41.09 8.75
CA PRO A 436 0.13 -42.48 9.18
C PRO A 436 -1.28 -42.94 8.82
N THR A 437 -1.41 -44.20 8.38
CA THR A 437 -2.67 -44.76 7.88
CA THR A 437 -2.67 -44.73 7.87
C THR A 437 -3.84 -44.60 8.86
N ASP A 438 -3.54 -44.64 10.16
CA ASP A 438 -4.54 -44.41 11.20
C ASP A 438 -4.09 -43.28 12.12
N GLY A 439 -5.06 -42.53 12.65
CA GLY A 439 -4.81 -41.38 13.53
C GLY A 439 -5.58 -40.15 13.05
N GLU A 440 -6.41 -39.59 13.92
CA GLU A 440 -7.18 -38.41 13.58
C GLU A 440 -6.25 -37.19 13.48
N VAL A 441 -6.35 -36.47 12.36
CA VAL A 441 -5.49 -35.31 12.13
C VAL A 441 -6.19 -34.03 12.58
N GLU A 442 -5.51 -33.24 13.42
CA GLU A 442 -5.90 -31.85 13.70
C GLU A 442 -4.97 -30.87 12.94
N LEU A 443 -5.57 -29.99 12.13
CA LEU A 443 -4.80 -28.96 11.41
C LEU A 443 -4.72 -27.69 12.25
N VAL A 444 -3.53 -27.09 12.29
CA VAL A 444 -3.23 -25.95 13.16
C VAL A 444 -2.59 -24.78 12.40
N VAL A 445 -3.14 -23.59 12.61
CA VAL A 445 -2.65 -22.36 12.02
C VAL A 445 -2.41 -21.40 13.17
N LYS A 446 -1.17 -20.95 13.32
CA LYS A 446 -0.85 -19.90 14.27
C LYS A 446 -0.40 -18.62 13.54
N SER A 447 -0.40 -17.51 14.25
CA SER A 447 0.17 -16.29 13.69
C SER A 447 0.72 -15.33 14.72
N ASP A 448 1.61 -14.48 14.23
CA ASP A 448 1.96 -13.24 14.89
C ASP A 448 1.97 -12.17 13.79
N ILE A 449 2.38 -10.95 14.11
CA ILE A 449 2.31 -9.85 13.16
C ILE A 449 3.17 -10.09 11.92
N ASN A 450 4.25 -10.87 12.05
CA ASN A 450 5.16 -11.16 10.93
C ASN A 450 4.83 -12.42 10.09
N TYR A 451 4.43 -13.51 10.74
CA TYR A 451 4.21 -14.78 10.02
C TYR A 451 2.96 -15.53 10.41
N TYR A 452 2.44 -16.31 9.46
CA TYR A 452 1.58 -17.44 9.73
C TYR A 452 2.47 -18.68 9.89
N TYR A 453 2.20 -19.48 10.91
CA TYR A 453 2.90 -20.75 11.16
C TYR A 453 1.88 -21.86 11.01
N PHE A 454 2.30 -22.95 10.39
CA PHE A 454 1.39 -24.02 10.01
C PHE A 454 1.92 -25.31 10.60
N GLY A 455 0.99 -26.15 11.05
CA GLY A 455 1.33 -27.48 11.56
C GLY A 455 0.13 -28.40 11.63
N TYR A 456 0.39 -29.62 12.05
CA TYR A 456 -0.68 -30.59 12.30
C TYR A 456 -0.35 -31.47 13.51
N LYS A 457 -1.40 -31.93 14.18
CA LYS A 457 -1.29 -32.80 15.34
C LYS A 457 -1.95 -34.13 15.01
N VAL A 458 -1.22 -35.23 15.25
CA VAL A 458 -1.75 -36.58 15.09
C VAL A 458 -1.10 -37.53 16.13
N ASN A 459 -1.93 -38.36 16.76
CA ASN A 459 -1.50 -39.27 17.84
C ASN A 459 -0.73 -38.57 18.96
N GLY A 460 -1.24 -37.41 19.36
CA GLY A 460 -0.68 -36.63 20.46
C GLY A 460 0.62 -35.89 20.17
N ILE A 461 1.04 -35.83 18.90
CA ILE A 461 2.29 -35.16 18.54
C ILE A 461 2.05 -34.08 17.46
N TYR A 462 2.51 -32.87 17.77
CA TYR A 462 2.44 -31.71 16.88
C TYR A 462 3.65 -31.66 15.97
N HIS A 463 3.44 -31.47 14.67
CA HIS A 463 4.51 -31.30 13.68
C HIS A 463 4.44 -29.94 13.01
N ASP A 464 5.57 -29.21 13.01
CA ASP A 464 5.69 -27.92 12.33
CA ASP A 464 5.66 -27.92 12.32
C ASP A 464 5.85 -28.13 10.81
N LEU A 465 5.07 -27.40 10.02
CA LEU A 465 5.16 -27.41 8.56
C LEU A 465 5.82 -26.13 8.01
N GLY A 466 6.08 -25.14 8.86
CA GLY A 466 6.87 -23.95 8.50
C GLY A 466 5.98 -22.71 8.55
N LYS A 467 6.47 -21.63 7.93
CA LYS A 467 5.88 -20.29 8.07
C LYS A 467 5.88 -19.50 6.77
N MET A 468 5.00 -18.50 6.72
CA MET A 468 4.86 -17.65 5.55
C MET A 468 4.50 -16.23 5.99
N ASN A 469 5.02 -15.25 5.27
CA ASN A 469 4.84 -13.82 5.62
C ASN A 469 3.38 -13.38 5.61
N THR A 470 2.99 -12.61 6.63
CA THR A 470 1.64 -12.01 6.66
C THR A 470 1.35 -10.98 5.54
N ARG A 471 2.38 -10.25 5.08
CA ARG A 471 2.18 -9.09 4.20
CA ARG A 471 2.16 -9.10 4.21
C ARG A 471 1.52 -9.43 2.87
N TYR A 472 1.73 -10.64 2.36
CA TYR A 472 1.20 -10.99 1.03
C TYR A 472 -0.31 -11.18 1.01
N LEU A 473 -0.91 -11.31 2.18
CA LEU A 473 -2.38 -11.34 2.31
C LEU A 473 -2.99 -10.00 2.77
N SER A 474 -2.20 -8.93 2.84
CA SER A 474 -2.76 -7.63 3.31
C SER A 474 -3.63 -6.98 2.25
N THR A 475 -4.48 -6.06 2.67
CA THR A 475 -5.25 -5.24 1.73
C THR A 475 -4.35 -4.45 0.78
N GLU A 476 -3.22 -3.95 1.30
CA GLU A 476 -2.29 -3.20 0.48
C GLU A 476 -1.72 -4.04 -0.65
N THR A 477 -1.39 -5.31 -0.34
CA THR A 477 -0.87 -6.22 -1.36
C THR A 477 -1.99 -6.74 -2.26
N ALA A 478 -3.03 -7.29 -1.64
CA ALA A 478 -4.04 -8.08 -2.35
C ALA A 478 -5.18 -7.26 -2.97
N GLY A 479 -5.36 -6.03 -2.49
CA GLY A 479 -6.46 -5.16 -2.89
C GLY A 479 -7.72 -5.42 -2.07
N GLY A 480 -8.80 -4.73 -2.42
CA GLY A 480 -10.11 -4.95 -1.79
C GLY A 480 -10.36 -4.19 -0.49
N PHE A 481 -11.46 -4.54 0.15
CA PHE A 481 -11.98 -3.81 1.28
C PHE A 481 -12.21 -4.64 2.54
N THR A 482 -11.55 -5.79 2.63
CA THR A 482 -11.89 -6.81 3.62
C THR A 482 -10.68 -7.17 4.50
N GLY A 483 -10.84 -8.16 5.37
CA GLY A 483 -9.77 -8.70 6.21
C GLY A 483 -9.65 -10.21 6.00
N VAL A 484 -8.60 -10.78 6.58
CA VAL A 484 -8.36 -12.23 6.52
C VAL A 484 -9.45 -12.99 7.28
N VAL A 485 -9.94 -14.07 6.69
CA VAL A 485 -10.87 -14.99 7.33
C VAL A 485 -10.19 -16.35 7.35
N LEU A 486 -10.57 -17.16 8.34
CA LEU A 486 -10.04 -18.52 8.50
C LEU A 486 -11.17 -19.50 8.18
N GLY A 487 -11.07 -20.16 7.02
CA GLY A 487 -12.19 -20.94 6.50
C GLY A 487 -11.99 -22.44 6.53
N LEU A 488 -13.03 -23.18 6.92
CA LEU A 488 -13.06 -24.62 6.75
C LEU A 488 -13.59 -24.87 5.36
N TYR A 489 -12.97 -25.77 4.62
CA TYR A 489 -13.32 -26.01 3.22
C TYR A 489 -13.05 -27.46 2.76
N ILE A 490 -13.68 -27.82 1.65
CA ILE A 490 -13.42 -29.09 0.99
C ILE A 490 -13.61 -28.89 -0.52
N THR A 491 -12.65 -29.41 -1.29
CA THR A 491 -12.66 -29.40 -2.76
CA THR A 491 -12.70 -29.41 -2.75
C THR A 491 -12.37 -30.80 -3.30
N SER A 492 -13.20 -31.30 -4.22
CA SER A 492 -12.95 -32.57 -4.89
C SER A 492 -12.20 -32.31 -6.19
N ALA A 493 -11.36 -33.25 -6.59
CA ALA A 493 -10.64 -33.17 -7.86
C ALA A 493 -10.42 -34.57 -8.44
N SER A 494 -11.51 -35.32 -8.52
CA SER A 494 -11.48 -36.68 -9.06
C SER A 494 -12.83 -36.99 -9.73
N LYS A 495 -12.87 -38.11 -10.45
CA LYS A 495 -14.06 -38.51 -11.23
C LYS A 495 -15.27 -38.81 -10.34
N ASP A 496 -16.36 -38.05 -10.52
CA ASP A 496 -17.65 -38.28 -9.84
C ASP A 496 -17.56 -38.34 -8.30
N SER A 497 -16.68 -37.53 -7.71
CA SER A 497 -16.44 -37.60 -6.26
C SER A 497 -17.70 -37.33 -5.45
N LYS A 498 -17.93 -38.16 -4.43
CA LYS A 498 -18.97 -37.94 -3.43
C LYS A 498 -18.33 -37.69 -2.06
N ALA A 499 -17.12 -37.13 -2.06
CA ALA A 499 -16.35 -36.89 -0.83
C ALA A 499 -17.01 -35.88 0.09
N TYR A 500 -16.79 -36.06 1.39
CA TYR A 500 -17.19 -35.11 2.40
C TYR A 500 -16.20 -35.17 3.55
N ALA A 501 -16.22 -34.16 4.41
CA ALA A 501 -15.33 -34.08 5.58
C ALA A 501 -16.06 -33.58 6.79
N ASP A 502 -15.76 -34.19 7.93
CA ASP A 502 -16.39 -33.85 9.19
C ASP A 502 -15.41 -33.09 10.07
N PHE A 503 -15.91 -32.01 10.65
CA PHE A 503 -15.16 -31.18 11.58
C PHE A 503 -15.93 -31.16 12.90
N GLU A 504 -15.34 -31.74 13.94
CA GLU A 504 -15.98 -31.86 15.25
C GLU A 504 -16.01 -30.56 16.04
N TYR A 505 -14.99 -29.72 15.85
CA TYR A 505 -14.94 -28.43 16.50
C TYR A 505 -14.06 -27.47 15.69
N PHE A 506 -14.07 -26.20 16.08
CA PHE A 506 -13.14 -25.21 15.58
C PHE A 506 -12.67 -24.40 16.78
N LYS A 507 -11.36 -24.45 17.05
CA LYS A 507 -10.78 -23.74 18.17
C LYS A 507 -10.15 -22.45 17.65
N TYR A 508 -10.39 -21.37 18.38
CA TYR A 508 -9.77 -20.07 18.12
C TYR A 508 -9.43 -19.42 19.46
N LYS A 509 -8.16 -19.05 19.65
CA LYS A 509 -7.76 -18.28 20.83
C LYS A 509 -6.83 -17.14 20.44
N GLY A 510 -7.22 -15.90 20.73
CA GLY A 510 -6.37 -14.73 20.56
C GLY A 510 -5.58 -14.42 21.81
N LYS A 511 -4.34 -13.93 21.67
CA LYS A 511 -3.55 -13.52 22.84
C LYS A 511 -4.08 -12.22 23.42
N GLN B 11 6.39 24.56 -26.68
CA GLN B 11 4.96 24.20 -26.40
C GLN B 11 4.73 22.69 -26.32
N GLY B 12 4.52 22.21 -25.09
CA GLY B 12 4.16 20.84 -24.84
C GLY B 12 5.36 20.04 -24.38
N TYR B 13 5.16 19.25 -23.33
CA TYR B 13 6.06 18.18 -22.99
C TYR B 13 5.28 17.10 -22.27
N SER B 14 5.90 15.93 -22.14
CA SER B 14 5.36 14.79 -21.42
C SER B 14 6.02 14.69 -20.04
N ASN B 15 5.20 14.43 -19.01
CA ASN B 15 5.70 13.98 -17.70
C ASN B 15 5.64 12.44 -17.61
N PRO B 16 6.52 11.81 -16.84
CA PRO B 16 7.64 12.42 -16.15
C PRO B 16 8.72 12.85 -17.13
N VAL B 17 9.52 13.84 -16.75
CA VAL B 17 10.68 14.24 -17.58
C VAL B 17 11.90 13.32 -17.39
N ILE B 18 11.97 12.61 -16.26
CA ILE B 18 12.96 11.54 -16.07
C ILE B 18 12.24 10.32 -15.51
N PRO B 19 11.88 9.37 -16.39
CA PRO B 19 11.11 8.21 -15.92
C PRO B 19 11.95 7.19 -15.16
N GLY B 20 11.26 6.27 -14.50
CA GLY B 20 11.92 5.27 -13.65
C GLY B 20 12.48 5.86 -12.37
N PHE B 21 13.22 5.05 -11.64
CA PHE B 21 13.63 5.31 -10.24
C PHE B 21 14.56 6.53 -10.15
N HIS B 22 13.94 7.72 -10.03
CA HIS B 22 14.62 9.02 -9.93
C HIS B 22 13.91 9.94 -8.92
N PRO B 23 14.10 9.66 -7.62
CA PRO B 23 13.33 10.41 -6.63
C PRO B 23 14.01 11.67 -6.14
N ASP B 24 13.29 12.42 -5.32
CA ASP B 24 13.77 13.63 -4.64
C ASP B 24 14.62 14.55 -5.53
N PRO B 25 14.10 14.95 -6.67
CA PRO B 25 14.88 15.80 -7.55
C PRO B 25 15.26 17.16 -6.95
N SER B 26 16.53 17.56 -7.12
CA SER B 26 16.95 18.92 -6.85
C SER B 26 17.71 19.44 -8.08
N VAL B 27 17.56 20.74 -8.34
CA VAL B 27 18.04 21.38 -9.55
C VAL B 27 18.68 22.72 -9.22
N CYS B 28 19.74 23.06 -9.97
CA CYS B 28 20.35 24.36 -9.89
C CYS B 28 20.62 24.90 -11.30
N LYS B 29 20.64 26.23 -11.39
CA LYS B 29 20.89 26.99 -12.61
C LYS B 29 22.33 27.50 -12.54
N ALA B 30 23.11 27.20 -13.59
CA ALA B 30 24.47 27.71 -13.75
C ALA B 30 24.57 28.37 -15.11
N GLY B 31 24.31 29.68 -15.17
CA GLY B 31 24.13 30.40 -16.43
C GLY B 31 22.94 29.86 -17.23
N ASP B 32 23.21 29.44 -18.47
CA ASP B 32 22.22 28.78 -19.35
C ASP B 32 22.13 27.25 -19.15
N ASP B 33 22.86 26.68 -18.19
CA ASP B 33 22.84 25.22 -17.95
C ASP B 33 22.11 24.88 -16.65
N TYR B 34 21.32 23.81 -16.70
CA TYR B 34 20.70 23.21 -15.52
C TYR B 34 21.30 21.84 -15.20
N TYR B 35 21.50 21.61 -13.91
CA TYR B 35 21.99 20.34 -13.37
C TYR B 35 21.03 19.86 -12.29
N LEU B 36 20.78 18.54 -12.28
CA LEU B 36 19.79 17.93 -11.40
C LEU B 36 20.28 16.60 -10.82
N VAL B 37 19.95 16.34 -9.55
CA VAL B 37 20.34 15.14 -8.85
C VAL B 37 19.10 14.43 -8.25
N ASN B 38 19.20 13.12 -8.07
CA ASN B 38 18.19 12.27 -7.40
C ASN B 38 18.80 11.46 -6.28
N SER B 39 17.96 11.00 -5.35
CA SER B 39 18.37 10.02 -4.34
C SER B 39 18.58 8.64 -5.00
N SER B 40 19.47 7.85 -4.42
CA SER B 40 19.87 6.53 -4.97
C SER B 40 19.95 5.37 -4.00
N PHE B 41 19.71 5.63 -2.70
CA PHE B 41 19.56 4.59 -1.70
C PHE B 41 20.74 3.64 -1.66
N GLN B 42 20.51 2.34 -1.89
CA GLN B 42 21.56 1.32 -1.75
C GLN B 42 22.51 1.18 -2.94
N TYR B 43 22.29 1.93 -4.02
CA TYR B 43 22.94 1.70 -5.29
C TYR B 43 24.22 2.52 -5.53
N PHE B 44 25.18 1.88 -6.18
CA PHE B 44 26.48 2.48 -6.45
C PHE B 44 26.80 2.34 -7.94
N PRO B 45 27.22 3.41 -8.62
CA PRO B 45 27.43 4.76 -8.03
C PRO B 45 26.14 5.48 -7.59
N GLY B 46 26.30 6.53 -6.80
CA GLY B 46 25.19 7.20 -6.13
C GLY B 46 25.01 8.62 -6.61
N VAL B 47 23.78 9.10 -6.46
CA VAL B 47 23.35 10.45 -6.84
C VAL B 47 23.54 10.66 -8.34
N PRO B 48 22.61 10.12 -9.13
CA PRO B 48 22.70 10.41 -10.56
C PRO B 48 22.65 11.92 -10.86
N LEU B 49 23.41 12.34 -11.88
CA LEU B 49 23.64 13.74 -12.19
C LEU B 49 23.25 13.98 -13.63
N PHE B 50 22.32 14.90 -13.85
CA PHE B 50 21.73 15.16 -15.16
C PHE B 50 21.95 16.59 -15.61
N HIS B 51 21.98 16.80 -16.93
CA HIS B 51 22.15 18.11 -17.51
C HIS B 51 21.05 18.39 -18.50
N SER B 52 20.61 19.65 -18.55
CA SER B 52 19.58 20.11 -19.48
C SER B 52 19.74 21.59 -19.84
N LYS B 53 19.24 21.95 -21.02
CA LYS B 53 19.12 23.34 -21.45
C LYS B 53 17.71 23.88 -21.37
N ASP B 54 16.73 23.01 -21.16
CA ASP B 54 15.31 23.39 -21.22
C ASP B 54 14.41 22.91 -20.08
N LEU B 55 14.97 22.19 -19.09
CA LEU B 55 14.23 21.54 -18.00
C LEU B 55 13.36 20.34 -18.38
N VAL B 56 13.15 20.12 -19.68
CA VAL B 56 12.32 19.03 -20.19
C VAL B 56 13.13 17.79 -20.53
N HIS B 57 14.24 17.98 -21.27
CA HIS B 57 15.11 16.89 -21.69
C HIS B 57 16.40 16.90 -20.90
N TRP B 58 16.76 15.73 -20.36
CA TRP B 58 17.86 15.59 -19.43
C TRP B 58 18.78 14.47 -19.90
N GLU B 59 20.10 14.70 -19.83
CA GLU B 59 21.11 13.69 -20.14
C GLU B 59 21.84 13.33 -18.84
N GLN B 60 21.97 12.03 -18.56
CA GLN B 60 22.74 11.62 -17.38
C GLN B 60 24.22 11.74 -17.72
N ILE B 61 24.84 12.77 -17.18
CA ILE B 61 26.25 13.05 -17.47
C ILE B 61 27.19 12.33 -16.51
N GLY B 62 26.64 11.76 -15.44
CA GLY B 62 27.48 11.08 -14.46
C GLY B 62 26.71 10.80 -13.18
N ASN B 63 27.48 10.66 -12.11
CA ASN B 63 26.98 10.45 -10.76
C ASN B 63 27.89 11.25 -9.83
N CYS B 64 27.34 11.82 -8.77
CA CYS B 64 28.17 12.59 -7.83
C CYS B 64 29.08 11.70 -6.99
N LEU B 65 28.60 10.50 -6.63
CA LEU B 65 29.34 9.64 -5.73
C LEU B 65 29.81 8.40 -6.50
N THR B 66 31.07 8.48 -6.96
CA THR B 66 31.66 7.52 -7.89
C THR B 66 32.80 6.69 -7.31
N ARG B 67 33.20 6.96 -6.07
CA ARG B 67 34.34 6.32 -5.47
C ARG B 67 33.94 5.80 -4.11
N PRO B 68 34.46 4.62 -3.70
CA PRO B 68 34.07 4.06 -2.39
C PRO B 68 34.29 4.98 -1.19
N SER B 69 35.34 5.79 -1.20
CA SER B 69 35.58 6.74 -0.08
C SER B 69 34.51 7.85 0.03
N GLN B 70 33.70 8.04 -1.03
CA GLN B 70 32.61 9.00 -1.00
C GLN B 70 31.30 8.40 -0.51
N LEU B 71 31.22 7.07 -0.44
CA LEU B 71 29.94 6.39 -0.27
C LEU B 71 30.08 4.97 0.30
N ASP B 72 30.02 4.86 1.63
CA ASP B 72 29.98 3.58 2.30
C ASP B 72 28.52 3.10 2.37
N LEU B 73 28.23 2.07 1.61
CA LEU B 73 26.91 1.42 1.55
C LEU B 73 26.85 0.03 2.20
N THR B 74 27.76 -0.25 3.14
CA THR B 74 27.76 -1.53 3.85
C THR B 74 26.38 -1.73 4.48
N ASN B 75 25.80 -2.90 4.25
CA ASN B 75 24.45 -3.24 4.74
C ASN B 75 23.27 -2.40 4.27
N ALA B 76 23.45 -1.53 3.27
CA ALA B 76 22.36 -0.66 2.82
C ALA B 76 21.34 -1.48 2.03
N ASN B 77 20.08 -1.05 2.10
CA ASN B 77 19.00 -1.68 1.32
C ASN B 77 18.04 -0.61 0.82
N SER B 78 16.91 -1.02 0.25
CA SER B 78 15.95 -0.07 -0.35
C SER B 78 15.35 0.96 0.63
N GLY B 79 15.56 0.77 1.93
CA GLY B 79 15.17 1.73 2.95
C GLY B 79 16.28 2.54 3.56
N SER B 80 17.49 2.50 3.01
CA SER B 80 18.62 3.17 3.62
C SER B 80 19.59 3.69 2.55
N GLY B 81 20.86 3.87 2.88
CA GLY B 81 21.77 4.50 1.95
C GLY B 81 21.54 5.99 1.78
N ILE B 82 21.61 6.44 0.53
CA ILE B 82 21.53 7.85 0.17
C ILE B 82 20.09 8.31 0.00
N PHE B 83 19.71 9.29 0.82
CA PHE B 83 18.37 9.90 0.83
C PHE B 83 18.40 11.17 -0.02
N ALA B 84 17.37 12.04 0.06
CA ALA B 84 17.26 13.23 -0.80
C ALA B 84 18.57 14.03 -0.90
N PRO B 85 19.06 14.27 -2.12
CA PRO B 85 20.19 15.18 -2.29
C PRO B 85 19.72 16.60 -2.69
N THR B 86 20.55 17.61 -2.48
CA THR B 86 20.30 18.96 -2.96
C THR B 86 21.54 19.42 -3.70
N ILE B 87 21.39 19.99 -4.89
CA ILE B 87 22.50 20.58 -5.66
C ILE B 87 22.34 22.13 -5.75
N ARG B 88 23.45 22.84 -5.54
CA ARG B 88 23.47 24.29 -5.61
C ARG B 88 24.74 24.75 -6.32
N TYR B 89 24.67 25.97 -6.85
CA TYR B 89 25.76 26.58 -7.59
C TYR B 89 25.95 27.98 -7.06
N ASN B 90 27.14 28.26 -6.52
CA ASN B 90 27.46 29.57 -6.00
C ASN B 90 28.93 29.89 -6.28
N ASP B 91 29.15 31.03 -6.94
CA ASP B 91 30.50 31.59 -7.14
C ASP B 91 31.46 30.59 -7.79
N GLY B 92 31.00 29.95 -8.87
CA GLY B 92 31.81 29.01 -9.63
C GLY B 92 31.90 27.58 -9.11
N VAL B 93 31.31 27.30 -7.94
CA VAL B 93 31.39 25.98 -7.30
C VAL B 93 30.01 25.32 -7.23
N PHE B 94 29.98 24.02 -7.52
CA PHE B 94 28.79 23.17 -7.33
C PHE B 94 28.90 22.41 -6.04
N TYR B 95 27.80 22.34 -5.29
CA TYR B 95 27.73 21.62 -4.03
C TYR B 95 26.57 20.66 -4.11
N MET B 96 26.82 19.38 -3.81
CA MET B 96 25.79 18.36 -3.63
C MET B 96 25.78 17.96 -2.16
N ILE B 97 24.64 18.17 -1.51
CA ILE B 97 24.47 17.91 -0.07
C ILE B 97 23.37 16.86 0.12
N THR B 98 23.62 15.88 0.99
CA THR B 98 22.72 14.73 1.15
C THR B 98 23.01 14.05 2.47
N THR B 99 22.32 12.93 2.70
CA THR B 99 22.47 12.15 3.90
C THR B 99 22.74 10.72 3.51
N ASN B 100 23.78 10.14 4.09
CA ASN B 100 23.99 8.69 4.00
C ASN B 100 23.50 8.15 5.31
N VAL B 101 22.25 7.69 5.33
CA VAL B 101 21.61 7.20 6.56
CA VAL B 101 21.65 7.20 6.59
C VAL B 101 22.19 5.85 7.01
N SER B 102 22.86 5.13 6.09
CA SER B 102 23.59 3.91 6.43
C SER B 102 24.93 4.22 7.08
N GLY B 103 25.45 5.43 6.88
CA GLY B 103 26.79 5.80 7.34
C GLY B 103 26.75 6.98 8.28
N LYS B 104 27.64 7.93 8.07
CA LYS B 104 27.87 9.02 9.00
C LYS B 104 26.93 10.22 8.87
N GLY B 105 25.84 10.12 8.09
CA GLY B 105 24.82 11.16 8.06
C GLY B 105 25.04 12.24 7.01
N ASN B 106 24.92 13.50 7.43
CA ASN B 106 24.89 14.62 6.50
C ASN B 106 26.27 15.00 6.01
N PHE B 107 26.38 15.18 4.70
CA PHE B 107 27.66 15.61 4.12
C PHE B 107 27.45 16.30 2.79
N LEU B 108 28.51 16.94 2.30
CA LEU B 108 28.48 17.43 0.94
C LEU B 108 29.73 17.05 0.19
N VAL B 109 29.63 17.11 -1.13
CA VAL B 109 30.80 17.08 -2.00
C VAL B 109 30.68 18.25 -2.93
N HIS B 110 31.82 18.70 -3.46
CA HIS B 110 31.84 19.84 -4.34
C HIS B 110 32.83 19.65 -5.50
N THR B 111 32.69 20.55 -6.46
CA THR B 111 33.54 20.57 -7.65
C THR B 111 33.31 21.85 -8.39
N THR B 112 34.28 22.22 -9.23
CA THR B 112 34.15 23.34 -10.14
CA THR B 112 34.14 23.34 -10.16
C THR B 112 33.64 22.85 -11.52
N ASP B 113 33.67 21.53 -11.73
CA ASP B 113 33.33 20.92 -13.02
C ASP B 113 32.43 19.70 -12.79
N PRO B 114 31.13 19.81 -13.12
CA PRO B 114 30.16 18.71 -12.88
C PRO B 114 30.49 17.35 -13.52
N ARG B 115 31.20 17.38 -14.65
CA ARG B 115 31.56 16.16 -15.37
CA ARG B 115 31.56 16.17 -15.39
C ARG B 115 32.82 15.49 -14.84
N SER B 116 33.53 16.14 -13.92
CA SER B 116 34.74 15.58 -13.32
C SER B 116 34.44 14.76 -12.04
N GLU B 117 35.48 14.21 -11.42
CA GLU B 117 35.35 13.60 -10.09
C GLU B 117 35.04 14.71 -9.06
N TRP B 118 34.08 14.46 -8.17
CA TRP B 118 33.74 15.41 -7.14
C TRP B 118 34.64 15.15 -5.94
N SER B 119 34.65 16.09 -5.01
CA SER B 119 35.49 16.00 -3.81
C SER B 119 35.18 14.80 -2.92
N GLU B 120 36.08 14.52 -1.97
CA GLU B 120 35.75 13.65 -0.84
C GLU B 120 34.61 14.29 0.00
N PRO B 121 33.90 13.48 0.82
CA PRO B 121 32.83 14.04 1.65
C PRO B 121 33.29 15.07 2.68
N VAL B 122 32.59 16.20 2.77
CA VAL B 122 32.77 17.16 3.85
C VAL B 122 31.63 16.85 4.82
N TRP B 123 31.95 16.30 5.99
CA TRP B 123 30.90 15.85 6.93
C TRP B 123 30.39 17.05 7.73
N LEU B 124 29.08 17.06 7.99
CA LEU B 124 28.38 18.19 8.55
C LEU B 124 27.77 17.82 9.90
N GLU B 125 27.62 18.81 10.77
CA GLU B 125 27.25 18.58 12.20
C GLU B 125 25.74 18.48 12.42
N GLN B 126 24.94 19.34 11.81
CA GLN B 126 23.49 19.32 12.03
C GLN B 126 22.88 18.03 11.44
N GLY B 127 21.94 17.45 12.17
CA GLY B 127 21.43 16.12 11.90
C GLY B 127 20.14 16.18 11.11
N GLY B 128 19.32 15.16 11.26
CA GLY B 128 18.13 14.99 10.43
C GLY B 128 18.51 14.62 9.00
N ILE B 129 17.51 14.59 8.13
CA ILE B 129 17.71 14.32 6.72
C ILE B 129 17.34 15.54 5.88
N ASP B 130 17.42 15.40 4.56
CA ASP B 130 17.03 16.45 3.61
C ASP B 130 17.75 17.77 3.79
N PRO B 131 19.08 17.71 3.92
CA PRO B 131 19.85 18.93 3.99
C PRO B 131 19.84 19.72 2.69
N SER B 132 19.86 21.06 2.80
CA SER B 132 19.79 21.94 1.64
C SER B 132 20.55 23.21 1.96
N LEU B 133 21.15 23.82 0.94
CA LEU B 133 21.94 25.04 1.10
C LEU B 133 21.29 26.23 0.39
N TYR B 134 21.46 27.40 1.00
CA TYR B 134 21.04 28.69 0.46
C TYR B 134 22.17 29.66 0.74
N PHE B 135 22.58 30.38 -0.31
CA PHE B 135 23.68 31.36 -0.25
C PHE B 135 23.19 32.82 -0.35
N GLU B 136 23.73 33.68 0.52
CA GLU B 136 23.48 35.13 0.41
C GLU B 136 24.62 35.88 1.08
N ASP B 137 25.14 36.92 0.42
CA ASP B 137 26.07 37.88 1.04
C ASP B 137 27.36 37.25 1.59
N GLY B 138 27.89 36.27 0.86
CA GLY B 138 29.06 35.50 1.30
C GLY B 138 28.83 34.52 2.43
N LYS B 139 27.56 34.25 2.78
CA LYS B 139 27.22 33.30 3.84
C LYS B 139 26.50 32.10 3.24
N CYS B 140 26.64 30.96 3.91
CA CYS B 140 26.03 29.69 3.46
C CYS B 140 25.15 29.15 4.58
N PHE B 141 23.86 29.06 4.29
CA PHE B 141 22.85 28.62 5.26
C PHE B 141 22.41 27.22 4.94
N MET B 142 22.37 26.37 5.96
CA MET B 142 21.98 24.98 5.86
C MET B 142 20.66 24.74 6.57
N VAL B 143 19.71 24.11 5.89
CA VAL B 143 18.55 23.57 6.58
C VAL B 143 18.55 22.03 6.53
N SER B 144 17.87 21.42 7.50
CA SER B 144 17.57 19.97 7.54
C SER B 144 16.47 19.80 8.59
N ASN B 145 16.03 18.56 8.85
CA ASN B 145 14.84 18.37 9.69
C ASN B 145 14.99 17.47 10.94
N PRO B 146 16.07 17.67 11.73
CA PRO B 146 16.18 16.83 12.94
C PRO B 146 14.96 16.97 13.88
N ASP B 147 14.47 15.83 14.39
N ASP B 147 14.48 15.85 14.42
CA ASP B 147 13.27 15.73 15.25
CA ASP B 147 13.25 15.75 15.27
C ASP B 147 11.96 16.22 14.61
C ASP B 147 11.94 16.22 14.61
N GLY B 148 11.88 16.22 13.28
CA GLY B 148 10.69 16.71 12.57
C GLY B 148 10.62 18.23 12.39
N TYR B 149 11.52 18.97 13.04
CA TYR B 149 11.54 20.43 12.97
C TYR B 149 12.56 20.83 11.94
N ILE B 150 12.17 21.73 11.04
CA ILE B 150 13.14 22.37 10.14
C ILE B 150 14.07 23.25 11.00
N ASN B 151 15.36 22.95 10.94
CA ASN B 151 16.40 23.66 11.64
C ASN B 151 17.31 24.42 10.64
N LEU B 152 17.72 25.63 11.01
CA LEU B 152 18.57 26.50 10.21
C LEU B 152 19.86 26.76 10.96
N CYS B 153 20.96 26.76 10.22
CA CYS B 153 22.24 27.24 10.76
C CYS B 153 23.07 27.76 9.61
N GLU B 154 24.22 28.32 9.98
CA GLU B 154 25.18 28.77 9.01
C GLU B 154 26.37 27.81 9.07
N ILE B 155 26.94 27.49 7.90
CA ILE B 155 28.14 26.65 7.80
C ILE B 155 29.20 27.27 6.88
N ASP B 156 30.44 26.80 7.04
CA ASP B 156 31.46 27.02 6.03
C ASP B 156 31.45 25.72 5.20
N PRO B 157 30.99 25.78 3.93
CA PRO B 157 30.80 24.54 3.16
C PRO B 157 32.07 23.80 2.75
N MET B 158 33.21 24.48 2.79
CA MET B 158 34.50 23.87 2.42
CA MET B 158 34.50 23.88 2.41
C MET B 158 35.13 23.14 3.59
N THR B 159 35.05 23.69 4.79
CA THR B 159 35.57 23.03 6.00
C THR B 159 34.53 22.16 6.68
N GLY B 160 33.24 22.40 6.38
CA GLY B 160 32.15 21.75 7.09
C GLY B 160 31.82 22.26 8.49
N LYS B 161 32.51 23.31 8.97
CA LYS B 161 32.30 23.82 10.33
C LYS B 161 30.97 24.52 10.43
N GLN B 162 30.22 24.26 11.49
CA GLN B 162 29.00 24.98 11.75
C GLN B 162 29.36 26.28 12.45
N LEU B 163 28.86 27.40 11.93
CA LEU B 163 29.26 28.74 12.35
C LEU B 163 28.25 29.46 13.27
N SER B 164 27.01 28.97 13.32
CA SER B 164 25.97 29.48 14.23
C SER B 164 25.18 28.32 14.82
N SER B 165 24.50 28.59 15.95
CA SER B 165 23.61 27.61 16.57
C SER B 165 22.48 27.23 15.63
N SER B 166 22.06 25.97 15.72
CA SER B 166 20.86 25.50 15.03
C SER B 166 19.63 26.14 15.68
N LYS B 167 18.72 26.65 14.84
CA LYS B 167 17.48 27.28 15.27
C LYS B 167 16.31 26.65 14.56
N ARG B 168 15.23 26.41 15.29
CA ARG B 168 14.05 25.84 14.68
C ARG B 168 13.31 26.98 14.02
N ILE B 169 12.79 26.82 12.78
N ILE B 169 13.10 26.83 12.73
CA ILE B 169 12.23 28.00 12.02
CA ILE B 169 12.15 27.64 12.08
C ILE B 169 10.77 28.08 11.45
C ILE B 169 10.99 26.68 11.99
N TRP B 170 10.13 26.98 11.11
CA TRP B 170 8.88 26.40 10.62
C TRP B 170 8.86 24.87 10.74
N ASN B 171 7.73 24.32 11.14
CA ASN B 171 7.53 22.88 11.12
C ASN B 171 6.30 22.49 10.28
N GLY B 172 5.95 23.36 9.32
CA GLY B 172 4.92 23.06 8.33
C GLY B 172 3.55 23.42 8.81
N THR B 173 2.53 23.04 8.04
CA THR B 173 1.14 23.34 8.35
C THR B 173 0.49 22.41 9.34
N GLY B 174 1.15 21.29 9.67
CA GLY B 174 0.57 20.29 10.57
C GLY B 174 0.52 18.92 9.94
N GLY B 175 0.78 18.82 8.64
CA GLY B 175 0.87 17.54 7.96
C GLY B 175 1.99 16.67 8.46
N ARG B 176 1.88 15.37 8.19
CA ARG B 176 2.95 14.44 8.64
C ARG B 176 4.27 14.61 7.86
N TYR B 177 5.35 14.31 8.58
CA TYR B 177 6.70 14.21 8.04
C TYR B 177 7.13 15.43 7.26
N ALA B 178 7.11 16.58 7.93
CA ALA B 178 7.60 17.82 7.36
C ALA B 178 9.07 17.60 7.00
N GLU B 179 9.39 17.76 5.71
CA GLU B 179 10.72 17.44 5.21
C GLU B 179 11.04 18.17 3.90
N GLY B 180 12.18 17.87 3.30
CA GLY B 180 12.62 18.51 2.05
C GLY B 180 12.59 20.04 2.04
N PRO B 181 13.13 20.69 3.09
CA PRO B 181 13.10 22.14 3.11
C PRO B 181 14.06 22.78 2.09
N HIS B 182 13.63 23.87 1.46
CA HIS B 182 14.52 24.71 0.66
C HIS B 182 14.15 26.19 0.86
N ILE B 183 15.17 27.02 1.00
CA ILE B 183 14.98 28.45 1.16
C ILE B 183 15.26 29.15 -0.16
N TYR B 184 14.39 30.09 -0.50
CA TYR B 184 14.59 30.98 -1.63
C TYR B 184 14.32 32.40 -1.14
N LYS B 185 15.02 33.37 -1.70
CA LYS B 185 14.72 34.78 -1.44
C LYS B 185 14.14 35.42 -2.70
N LYS B 186 12.96 36.01 -2.58
CA LYS B 186 12.31 36.71 -3.68
C LYS B 186 11.44 37.87 -3.14
N ASP B 187 11.54 39.04 -3.79
CA ASP B 187 10.73 40.23 -3.46
C ASP B 187 10.81 40.64 -1.97
N GLY B 188 12.00 40.53 -1.39
CA GLY B 188 12.19 40.84 0.02
C GLY B 188 11.65 39.86 1.05
N TRP B 189 11.23 38.68 0.59
CA TRP B 189 10.74 37.62 1.44
C TRP B 189 11.69 36.42 1.40
N TYR B 190 11.92 35.79 2.55
CA TYR B 190 12.49 34.44 2.58
C TYR B 190 11.34 33.46 2.48
N TYR B 191 11.34 32.68 1.40
CA TYR B 191 10.36 31.64 1.18
C TYR B 191 10.95 30.29 1.64
N LEU B 192 10.16 29.53 2.41
CA LEU B 192 10.52 28.17 2.82
C LEU B 192 9.51 27.19 2.24
N LEU B 193 10.02 26.37 1.32
CA LEU B 193 9.24 25.34 0.64
CA LEU B 193 9.26 25.34 0.63
C LEU B 193 9.57 24.01 1.29
N ILE B 194 8.54 23.22 1.58
CA ILE B 194 8.74 21.90 2.16
C ILE B 194 7.76 20.89 1.59
N SER B 195 7.99 19.65 1.99
CA SER B 195 7.07 18.55 1.76
CA SER B 195 7.12 18.52 1.74
C SER B 195 6.36 18.12 3.02
N GLU B 196 5.10 17.78 2.88
CA GLU B 196 4.29 17.23 3.97
C GLU B 196 3.47 16.09 3.43
N GLY B 197 2.87 15.34 4.35
CA GLY B 197 1.95 14.27 4.01
C GLY B 197 2.57 12.91 3.76
N GLY B 198 3.91 12.82 3.70
CA GLY B 198 4.56 11.56 3.41
C GLY B 198 4.70 11.34 1.91
N THR B 199 5.69 10.57 1.50
CA THR B 199 5.99 10.38 0.05
C THR B 199 5.09 9.31 -0.66
N GLU B 200 3.94 8.98 -0.05
CA GLU B 200 2.94 8.09 -0.63
C GLU B 200 1.72 8.92 -1.08
N LEU B 201 0.48 8.44 -0.94
CA LEU B 201 -0.67 9.15 -1.54
C LEU B 201 -0.99 10.54 -0.96
N GLY B 202 -0.50 10.84 0.25
CA GLY B 202 -0.75 12.12 0.89
C GLY B 202 0.25 13.21 0.59
N HIS B 203 1.27 12.90 -0.23
CA HIS B 203 2.32 13.86 -0.53
C HIS B 203 1.77 15.22 -0.99
N LYS B 204 2.27 16.29 -0.41
CA LYS B 204 1.88 17.64 -0.85
C LYS B 204 3.04 18.59 -0.64
N VAL B 205 3.07 19.67 -1.43
CA VAL B 205 4.08 20.71 -1.30
C VAL B 205 3.44 21.90 -0.61
N THR B 206 4.06 22.38 0.48
CA THR B 206 3.62 23.60 1.16
C THR B 206 4.73 24.65 1.19
N ILE B 207 4.33 25.90 1.38
CA ILE B 207 5.26 27.00 1.38
C ILE B 207 4.86 28.06 2.41
N ALA B 208 5.88 28.66 3.05
CA ALA B 208 5.70 29.74 4.01
C ALA B 208 6.67 30.86 3.71
N ARG B 209 6.47 32.03 4.33
CA ARG B 209 7.43 33.13 4.15
C ARG B 209 7.64 34.01 5.39
N SER B 210 8.76 34.71 5.39
CA SER B 210 9.11 35.64 6.45
C SER B 210 10.04 36.72 5.91
N ARG B 211 9.98 37.91 6.51
CA ARG B 211 10.96 38.95 6.22
C ARG B 211 12.34 38.61 6.79
N TYR B 212 12.42 37.64 7.72
CA TYR B 212 13.70 37.23 8.29
C TYR B 212 13.94 35.76 8.00
N ILE B 213 15.19 35.42 7.68
CA ILE B 213 15.58 34.04 7.39
C ILE B 213 15.28 33.09 8.54
N ASP B 214 15.40 33.61 9.78
CA ASP B 214 15.11 32.82 10.98
C ASP B 214 13.68 33.01 11.54
N GLY B 215 12.77 33.55 10.73
CA GLY B 215 11.35 33.55 11.10
C GLY B 215 10.90 34.79 11.85
N PRO B 216 9.62 34.87 12.23
CA PRO B 216 8.69 33.76 12.12
C PRO B 216 8.11 33.57 10.71
N TYR B 217 7.90 32.32 10.31
CA TYR B 217 7.35 32.01 9.00
C TYR B 217 5.84 31.90 9.09
N GLN B 218 5.17 32.43 8.06
CA GLN B 218 3.72 32.38 7.96
CA GLN B 218 3.72 32.40 7.95
C GLN B 218 3.38 31.55 6.72
N GLY B 219 2.48 30.59 6.89
CA GLY B 219 2.13 29.68 5.80
C GLY B 219 1.26 30.36 4.76
N ASN B 220 1.49 29.99 3.50
CA ASN B 220 0.61 30.39 2.41
C ASN B 220 -0.84 30.02 2.72
N PRO B 221 -1.75 31.02 2.79
CA PRO B 221 -3.17 30.62 2.98
C PRO B 221 -3.71 29.63 1.92
N ALA B 222 -3.15 29.66 0.71
CA ALA B 222 -3.54 28.73 -0.35
C ALA B 222 -2.89 27.32 -0.24
N ASN B 223 -2.09 27.05 0.79
CA ASN B 223 -1.47 25.71 0.95
C ASN B 223 -2.47 24.55 0.91
N PRO B 224 -2.11 23.41 0.31
CA PRO B 224 -0.84 23.17 -0.34
C PRO B 224 -0.85 23.69 -1.76
N ILE B 225 0.33 24.07 -2.24
CA ILE B 225 0.50 24.58 -3.59
C ILE B 225 0.64 23.49 -4.68
N LEU B 226 0.96 22.26 -4.30
CA LEU B 226 0.97 21.12 -5.24
C LEU B 226 0.63 19.82 -4.54
N THR B 227 -0.46 19.17 -4.98
CA THR B 227 -0.79 17.84 -4.48
C THR B 227 -1.82 17.18 -5.35
N HIS B 228 -1.75 15.86 -5.43
CA HIS B 228 -2.80 15.04 -6.02
C HIS B 228 -3.65 14.34 -4.97
N ALA B 229 -3.40 14.61 -3.69
CA ALA B 229 -4.11 13.97 -2.58
C ALA B 229 -5.58 14.37 -2.44
N ASN B 230 -5.95 15.54 -2.94
CA ASN B 230 -7.29 16.09 -2.74
C ASN B 230 -8.21 15.72 -3.90
N GLU B 231 -9.45 16.18 -3.87
CA GLU B 231 -10.43 15.80 -4.90
C GLU B 231 -9.93 16.11 -6.31
N SER B 232 -9.27 17.26 -6.48
CA SER B 232 -8.72 17.64 -7.77
C SER B 232 -7.70 16.65 -8.35
N GLY B 233 -7.06 15.84 -7.51
CA GLY B 233 -6.11 14.84 -8.02
C GLY B 233 -6.50 13.40 -7.96
N GLN B 234 -7.64 13.08 -7.36
CA GLN B 234 -7.95 11.70 -7.03
C GLN B 234 -8.04 10.76 -8.24
N SER B 235 -8.46 11.28 -9.39
CA SER B 235 -8.58 10.51 -10.63
CA SER B 235 -8.56 10.46 -10.60
C SER B 235 -7.28 10.42 -11.43
N SER B 236 -6.26 11.19 -11.05
CA SER B 236 -5.03 11.25 -11.84
C SER B 236 -4.28 9.91 -11.89
N PRO B 237 -3.70 9.55 -13.06
CA PRO B 237 -2.78 8.42 -13.08
C PRO B 237 -1.44 8.74 -12.37
N ILE B 238 -1.15 10.00 -12.10
CA ILE B 238 0.02 10.40 -11.30
C ILE B 238 -0.43 10.62 -9.84
N GLN B 239 0.35 10.11 -8.90
CA GLN B 239 0.04 10.29 -7.50
C GLN B 239 1.32 10.61 -6.74
N GLY B 240 1.16 11.03 -5.50
CA GLY B 240 2.29 11.31 -4.62
C GLY B 240 3.21 12.43 -5.02
N THR B 241 2.65 13.53 -5.52
CA THR B 241 3.44 14.69 -5.96
C THR B 241 4.06 15.44 -4.77
N GLY B 242 5.37 15.63 -4.79
CA GLY B 242 6.01 16.36 -3.71
C GLY B 242 7.50 16.37 -3.79
N HIS B 243 8.12 16.73 -2.69
CA HIS B 243 9.56 16.95 -2.64
C HIS B 243 10.09 17.81 -3.82
N ALA B 244 9.60 19.07 -3.91
CA ALA B 244 9.90 19.96 -5.04
C ALA B 244 11.10 20.86 -4.82
N ASP B 245 11.61 21.39 -5.94
CA ASP B 245 12.66 22.40 -5.91
C ASP B 245 12.35 23.45 -7.00
N LEU B 246 12.25 24.71 -6.60
CA LEU B 246 11.92 25.80 -7.51
C LEU B 246 13.16 26.25 -8.30
N VAL B 247 12.95 26.57 -9.56
CA VAL B 247 14.06 27.03 -10.40
C VAL B 247 13.59 28.04 -11.45
N GLU B 248 14.47 28.99 -11.76
CA GLU B 248 14.15 30.06 -12.69
C GLU B 248 14.53 29.69 -14.13
N GLY B 249 13.63 30.00 -15.07
CA GLY B 249 13.93 29.86 -16.49
C GLY B 249 14.89 30.90 -16.98
N THR B 250 15.59 30.61 -18.09
CA THR B 250 16.46 31.61 -18.72
C THR B 250 15.71 32.83 -19.28
N ASP B 251 14.40 32.69 -19.50
CA ASP B 251 13.53 33.78 -19.93
C ASP B 251 12.75 34.48 -18.78
N GLY B 252 13.18 34.28 -17.53
CA GLY B 252 12.44 34.81 -16.38
C GLY B 252 11.21 34.04 -15.90
N SER B 253 10.79 32.97 -16.58
CA SER B 253 9.68 32.12 -16.09
C SER B 253 10.10 31.29 -14.87
N TRP B 254 9.13 30.73 -14.15
CA TRP B 254 9.41 29.89 -12.98
C TRP B 254 8.89 28.46 -13.16
N TRP B 255 9.62 27.53 -12.56
CA TRP B 255 9.40 26.11 -12.72
C TRP B 255 9.67 25.40 -11.40
N MET B 256 9.08 24.22 -11.22
CA MET B 256 9.56 23.33 -10.18
C MET B 256 9.71 21.90 -10.72
N VAL B 257 10.74 21.23 -10.25
CA VAL B 257 10.83 19.79 -10.38
C VAL B 257 10.31 19.18 -9.10
N CYS B 258 9.77 17.98 -9.20
CA CYS B 258 9.26 17.26 -8.04
C CYS B 258 9.22 15.78 -8.36
N LEU B 259 9.01 14.98 -7.32
CA LEU B 259 8.78 13.56 -7.50
C LEU B 259 7.29 13.31 -7.55
N ALA B 260 6.96 12.17 -8.16
CA ALA B 260 5.63 11.60 -8.13
C ALA B 260 5.78 10.15 -8.63
N TYR B 261 4.67 9.41 -8.70
CA TYR B 261 4.73 8.07 -9.27
C TYR B 261 3.47 7.77 -10.03
N ARG B 262 3.56 6.77 -10.91
CA ARG B 262 2.43 6.33 -11.72
C ARG B 262 1.82 5.05 -11.15
N ILE B 263 0.56 5.19 -10.77
CA ILE B 263 -0.17 4.13 -10.10
CA ILE B 263 -0.15 4.10 -10.09
C ILE B 263 -0.51 2.97 -11.06
N MET B 264 -0.56 1.75 -10.51
CA MET B 264 -0.93 0.53 -11.23
C MET B 264 -2.15 -0.04 -10.50
N PRO B 265 -2.87 -0.99 -11.12
CA PRO B 265 -4.08 -1.55 -10.43
C PRO B 265 -3.79 -2.10 -9.01
N GLY B 266 -4.72 -1.87 -8.08
CA GLY B 266 -4.50 -2.16 -6.65
C GLY B 266 -3.68 -1.13 -5.88
N THR B 267 -3.40 0.01 -6.50
CA THR B 267 -2.56 1.05 -5.91
C THR B 267 -1.15 0.51 -5.65
N HIS B 268 -0.46 0.24 -6.75
CA HIS B 268 0.92 -0.21 -6.72
C HIS B 268 1.75 0.67 -7.66
N HIS B 269 3.04 0.80 -7.36
CA HIS B 269 3.96 1.41 -8.31
C HIS B 269 5.31 0.66 -8.26
N THR B 270 5.83 0.32 -9.43
CA THR B 270 7.06 -0.47 -9.60
C THR B 270 8.20 0.30 -10.26
N LEU B 271 7.92 1.46 -10.84
CA LEU B 271 8.94 2.24 -11.55
C LEU B 271 9.62 3.25 -10.63
N GLY B 272 9.39 3.14 -9.33
CA GLY B 272 9.91 4.10 -8.39
C GLY B 272 9.21 5.43 -8.49
N ARG B 273 9.69 6.34 -7.68
CA ARG B 273 9.30 7.75 -7.76
C ARG B 273 10.17 8.38 -8.83
N GLU B 274 9.53 9.09 -9.77
CA GLU B 274 10.18 9.64 -10.95
C GLU B 274 10.23 11.16 -10.88
N THR B 275 10.98 11.78 -11.80
CA THR B 275 11.14 13.23 -11.79
C THR B 275 10.17 13.87 -12.79
N TYR B 276 9.41 14.84 -12.27
CA TYR B 276 8.33 15.51 -12.98
C TYR B 276 8.62 16.98 -12.98
N LEU B 277 8.01 17.70 -13.93
CA LEU B 277 8.21 19.12 -14.09
C LEU B 277 6.88 19.84 -14.10
N ALA B 278 6.87 21.03 -13.48
CA ALA B 278 5.67 21.86 -13.47
C ALA B 278 6.00 23.33 -13.65
N PRO B 279 5.23 24.02 -14.49
CA PRO B 279 5.34 25.46 -14.58
C PRO B 279 4.73 26.15 -13.36
N VAL B 280 5.29 27.30 -13.02
CA VAL B 280 4.92 28.05 -11.84
C VAL B 280 4.75 29.54 -12.19
N ARG B 281 3.58 30.07 -11.87
CA ARG B 281 3.30 31.51 -11.91
C ARG B 281 3.84 32.12 -10.62
N TRP B 282 4.80 33.03 -10.70
CA TRP B 282 5.28 33.71 -9.49
C TRP B 282 5.45 35.21 -9.73
N ASP B 283 4.32 35.92 -9.65
CA ASP B 283 4.33 37.37 -9.90
C ASP B 283 5.08 38.10 -8.79
N LYS B 284 5.53 39.32 -9.11
CA LYS B 284 6.15 40.20 -8.11
C LYS B 284 5.21 40.42 -6.94
N ASP B 285 5.69 40.10 -5.73
CA ASP B 285 4.95 40.29 -4.47
C ASP B 285 3.82 39.28 -4.24
N ALA B 286 3.74 38.24 -5.05
CA ALA B 286 2.69 37.26 -4.93
C ALA B 286 3.28 35.91 -4.48
N TRP B 287 2.43 35.08 -3.89
CA TRP B 287 2.75 33.66 -3.66
C TRP B 287 2.85 32.91 -5.00
N PRO B 288 3.69 31.87 -5.09
CA PRO B 288 3.71 31.04 -6.30
C PRO B 288 2.46 30.19 -6.42
N VAL B 289 2.04 29.96 -7.65
CA VAL B 289 0.90 29.09 -7.94
C VAL B 289 1.40 28.08 -8.96
N VAL B 290 1.22 26.80 -8.67
CA VAL B 290 1.77 25.73 -9.52
C VAL B 290 0.75 25.27 -10.56
N ASN B 291 1.08 25.49 -11.83
CA ASN B 291 0.24 25.02 -12.96
C ASN B 291 -1.26 25.29 -12.75
N SER B 292 -1.59 26.53 -12.36
CA SER B 292 -2.98 27.04 -12.15
C SER B 292 -3.76 26.45 -10.98
N ASN B 293 -3.79 25.12 -10.84
CA ASN B 293 -4.62 24.48 -9.81
C ASN B 293 -3.86 23.49 -8.90
N GLY B 294 -2.53 23.57 -8.88
CA GLY B 294 -1.73 22.72 -8.03
C GLY B 294 -1.75 21.22 -8.39
N THR B 295 -1.93 20.91 -9.67
CA THR B 295 -1.89 19.56 -10.20
C THR B 295 -1.00 19.53 -11.45
N ILE B 296 -0.53 18.35 -11.81
CA ILE B 296 0.23 18.11 -13.01
C ILE B 296 -0.40 16.95 -13.77
N SER B 297 -0.01 16.81 -15.02
CA SER B 297 -0.54 15.80 -15.93
CA SER B 297 -0.54 15.76 -15.90
C SER B 297 0.57 15.14 -16.73
N LEU B 298 0.24 14.00 -17.34
CA LEU B 298 1.19 13.30 -18.20
C LEU B 298 1.48 14.10 -19.46
N LYS B 299 0.44 14.66 -20.09
CA LYS B 299 0.62 15.57 -21.23
C LYS B 299 0.49 17.00 -20.72
N MET B 300 1.57 17.77 -20.81
CA MET B 300 1.58 19.16 -20.35
C MET B 300 1.53 20.11 -21.54
N ASP B 301 0.35 20.71 -21.76
CA ASP B 301 0.12 21.64 -22.89
C ASP B 301 0.40 23.07 -22.44
N VAL B 302 1.67 23.37 -22.25
CA VAL B 302 2.09 24.65 -21.69
C VAL B 302 3.32 25.16 -22.44
N PRO B 303 3.53 26.49 -22.45
CA PRO B 303 4.79 26.99 -23.04
C PRO B 303 6.02 26.54 -22.24
N THR B 304 7.17 26.44 -22.92
CA THR B 304 8.39 25.97 -22.27
C THR B 304 9.54 26.85 -22.72
N LEU B 305 10.70 26.60 -22.12
CA LEU B 305 11.95 27.11 -22.66
C LEU B 305 12.17 26.51 -24.05
N PRO B 306 12.97 27.19 -24.90
CA PRO B 306 13.22 26.59 -26.22
C PRO B 306 13.83 25.21 -26.05
N GLN B 307 13.21 24.20 -26.64
CA GLN B 307 13.53 22.82 -26.33
C GLN B 307 14.73 22.32 -27.12
N GLN B 308 15.45 21.38 -26.52
CA GLN B 308 16.67 20.84 -27.09
C GLN B 308 16.76 19.41 -26.63
N GLU B 309 16.60 18.47 -27.56
CA GLU B 309 16.60 17.05 -27.21
C GLU B 309 18.01 16.63 -26.83
N MET B 310 18.10 15.60 -25.99
CA MET B 310 19.35 15.14 -25.37
CA MET B 310 19.37 15.15 -25.40
C MET B 310 19.59 13.65 -25.62
N LYS B 311 20.85 13.23 -25.45
CA LYS B 311 21.23 11.81 -25.58
C LYS B 311 20.53 10.95 -24.51
N GLY B 312 20.05 9.78 -24.91
CA GLY B 312 19.34 8.84 -24.03
C GLY B 312 19.87 7.43 -24.07
N ARG B 313 19.13 6.51 -23.47
CA ARG B 313 19.58 5.12 -23.35
C ARG B 313 19.48 4.42 -24.71
N PRO B 314 20.59 3.86 -25.21
CA PRO B 314 20.52 3.14 -26.51
C PRO B 314 19.64 1.90 -26.43
N GLU B 315 19.01 1.54 -27.55
CA GLU B 315 18.20 0.35 -27.62
C GLU B 315 19.00 -0.96 -27.55
N ARG B 316 20.26 -0.94 -28.02
CA ARG B 316 21.18 -2.05 -27.86
C ARG B 316 22.46 -1.51 -27.25
N ILE B 317 22.69 -1.79 -25.97
CA ILE B 317 23.91 -1.34 -25.29
C ILE B 317 24.96 -2.40 -25.49
N ASP B 318 26.11 -2.02 -26.05
CA ASP B 318 27.21 -2.96 -26.21
C ASP B 318 28.34 -2.50 -25.30
N PHE B 319 29.33 -3.36 -25.10
CA PHE B 319 30.43 -3.10 -24.18
C PHE B 319 31.78 -3.00 -24.90
N LYS B 320 31.75 -2.64 -26.18
CA LYS B 320 32.97 -2.54 -27.01
C LYS B 320 33.94 -1.44 -26.54
N GLU B 321 33.40 -0.35 -25.98
CA GLU B 321 34.19 0.76 -25.41
C GLU B 321 34.83 0.45 -24.05
N GLY B 322 34.45 -0.68 -23.43
CA GLY B 322 35.08 -1.15 -22.22
C GLY B 322 34.81 -0.30 -21.00
N LYS B 323 33.66 0.37 -20.98
CA LYS B 323 33.23 1.20 -19.84
C LYS B 323 31.70 1.20 -19.76
N LEU B 324 31.15 0.98 -18.57
CA LEU B 324 29.69 1.14 -18.40
C LEU B 324 29.29 2.63 -18.36
N SER B 325 28.14 2.96 -18.95
CA SER B 325 27.63 4.33 -18.89
C SER B 325 27.23 4.65 -17.42
N PRO B 326 26.96 5.93 -17.10
CA PRO B 326 26.47 6.36 -15.79
C PRO B 326 25.18 5.70 -15.32
N GLU B 327 24.34 5.24 -16.24
CA GLU B 327 23.05 4.61 -15.88
C GLU B 327 23.18 3.27 -15.13
N TRP B 328 24.30 2.56 -15.30
CA TRP B 328 24.49 1.26 -14.67
C TRP B 328 24.79 1.40 -13.17
N ILE B 329 24.12 0.59 -12.37
CA ILE B 329 24.22 0.60 -10.88
C ILE B 329 24.38 -0.81 -10.26
N HIS B 330 25.15 -0.86 -9.17
CA HIS B 330 25.44 -2.06 -8.42
C HIS B 330 24.72 -2.03 -7.06
N LEU B 331 24.58 -3.18 -6.44
CA LEU B 331 24.04 -3.25 -5.06
C LEU B 331 25.17 -3.03 -4.05
N GLN B 332 25.01 -2.00 -3.23
CA GLN B 332 25.97 -1.64 -2.17
C GLN B 332 27.35 -1.33 -2.79
N ASN B 333 28.45 -1.54 -2.07
CA ASN B 333 29.77 -1.34 -2.67
C ASN B 333 30.19 -2.57 -3.45
N PRO B 334 30.32 -2.48 -4.80
CA PRO B 334 30.64 -3.71 -5.52
C PRO B 334 32.10 -4.17 -5.29
N GLU B 335 32.35 -5.45 -5.49
CA GLU B 335 33.71 -5.97 -5.56
C GLU B 335 34.14 -5.76 -7.00
N ALA B 336 34.92 -4.71 -7.22
CA ALA B 336 35.19 -4.18 -8.55
C ALA B 336 35.93 -5.17 -9.48
N LYS B 337 36.74 -6.05 -8.91
CA LYS B 337 37.46 -7.07 -9.70
C LYS B 337 36.56 -8.08 -10.42
N ASN B 338 35.30 -8.21 -9.98
CA ASN B 338 34.37 -9.16 -10.59
C ASN B 338 33.58 -8.61 -11.78
N TYR B 339 33.91 -7.42 -12.25
CA TYR B 339 33.32 -6.86 -13.46
C TYR B 339 34.44 -6.57 -14.43
N ILE B 340 34.57 -7.41 -15.47
CA ILE B 340 35.68 -7.34 -16.44
C ILE B 340 35.15 -7.00 -17.84
N PHE B 341 36.02 -6.46 -18.69
CA PHE B 341 35.68 -6.27 -20.10
C PHE B 341 36.60 -7.13 -20.95
N THR B 342 35.99 -7.97 -21.79
CA THR B 342 36.76 -8.96 -22.52
C THR B 342 37.44 -8.27 -23.68
N LYS B 343 38.44 -8.91 -24.25
CA LYS B 343 39.12 -8.36 -25.41
C LYS B 343 38.15 -8.23 -26.59
N ASP B 344 37.18 -9.13 -26.70
CA ASP B 344 36.15 -8.99 -27.76
C ASP B 344 34.97 -8.08 -27.40
N GLY B 345 35.09 -7.32 -26.31
CA GLY B 345 34.14 -6.26 -26.00
C GLY B 345 32.85 -6.76 -25.35
N LYS B 346 32.94 -7.81 -24.55
CA LYS B 346 31.81 -8.30 -23.75
C LYS B 346 31.97 -7.95 -22.28
N LEU B 347 30.84 -7.84 -21.60
CA LEU B 347 30.83 -7.72 -20.15
C LEU B 347 30.99 -9.10 -19.54
N ARG B 348 32.08 -9.28 -18.80
CA ARG B 348 32.33 -10.52 -18.09
C ARG B 348 32.09 -10.33 -16.61
N LEU B 349 31.12 -11.08 -16.08
CA LEU B 349 30.82 -11.13 -14.64
C LEU B 349 31.45 -12.37 -13.98
N ILE B 350 32.29 -12.17 -12.97
CA ILE B 350 32.92 -13.26 -12.24
C ILE B 350 32.03 -13.72 -11.08
N ALA B 351 31.81 -15.04 -10.97
CA ALA B 351 30.90 -15.58 -9.95
C ALA B 351 31.44 -15.46 -8.55
N THR B 352 30.53 -15.29 -7.58
CA THR B 352 30.82 -15.40 -6.15
C THR B 352 29.66 -16.20 -5.58
N PRO B 353 29.80 -16.72 -4.36
CA PRO B 353 28.66 -17.41 -3.74
C PRO B 353 27.52 -16.52 -3.20
N VAL B 354 27.62 -15.20 -3.32
CA VAL B 354 26.61 -14.28 -2.82
C VAL B 354 25.38 -14.34 -3.74
N THR B 355 24.24 -14.76 -3.19
CA THR B 355 23.00 -14.79 -3.97
C THR B 355 22.40 -13.39 -4.04
N LEU B 356 21.30 -13.25 -4.76
CA LEU B 356 20.55 -11.99 -4.77
C LEU B 356 19.68 -11.82 -3.51
N SER B 357 19.70 -12.79 -2.59
CA SER B 357 18.92 -12.76 -1.34
C SER B 357 19.77 -12.70 -0.07
N ASP B 358 21.06 -12.37 -0.20
CA ASP B 358 22.00 -12.37 0.95
C ASP B 358 22.20 -11.02 1.66
N TRP B 359 21.54 -9.96 1.20
CA TRP B 359 21.70 -8.61 1.77
C TRP B 359 23.16 -8.12 1.72
N LYS B 360 23.91 -8.56 0.72
CA LYS B 360 25.31 -8.21 0.51
C LYS B 360 25.46 -7.94 -0.99
N SER B 361 26.56 -7.38 -1.44
CA SER B 361 26.73 -7.11 -2.88
C SER B 361 26.98 -8.43 -3.61
N PRO B 362 26.09 -8.82 -4.54
CA PRO B 362 26.46 -9.92 -5.43
C PRO B 362 27.18 -9.37 -6.66
N THR B 363 27.65 -10.27 -7.50
CA THR B 363 28.08 -9.88 -8.84
C THR B 363 26.78 -9.59 -9.59
N PHE B 364 26.47 -8.29 -9.66
CA PHE B 364 25.18 -7.78 -10.12
C PHE B 364 25.37 -6.32 -10.60
N VAL B 365 24.85 -6.02 -11.78
CA VAL B 365 24.90 -4.68 -12.31
C VAL B 365 23.67 -4.49 -13.18
N ALA B 366 23.00 -3.36 -13.02
CA ALA B 366 21.62 -3.21 -13.50
C ALA B 366 21.31 -1.85 -14.12
N LEU B 367 20.19 -1.83 -14.84
CA LEU B 367 19.59 -0.60 -15.36
C LEU B 367 18.18 -0.46 -14.78
N ARG B 368 17.80 0.76 -14.45
CA ARG B 368 16.46 1.04 -13.94
C ARG B 368 15.43 0.73 -15.02
N GLN B 369 14.33 0.09 -14.65
CA GLN B 369 13.18 -0.02 -15.55
C GLN B 369 12.46 1.33 -15.61
N GLU B 370 12.22 1.83 -16.83
CA GLU B 370 11.72 3.19 -17.04
C GLU B 370 10.40 3.26 -17.80
N HIS B 371 9.81 2.12 -18.15
CA HIS B 371 8.51 2.04 -18.83
C HIS B 371 7.71 0.86 -18.27
N PHE B 372 6.38 1.00 -18.22
CA PHE B 372 5.52 -0.14 -17.90
C PHE B 372 5.59 -1.21 -18.98
N ASP B 373 5.52 -0.75 -20.22
CA ASP B 373 5.62 -1.62 -21.40
C ASP B 373 7.02 -1.56 -21.97
N MET B 374 7.78 -2.65 -21.80
CA MET B 374 9.15 -2.73 -22.30
C MET B 374 9.59 -4.16 -22.59
N GLU B 375 10.68 -4.32 -23.36
CA GLU B 375 11.34 -5.62 -23.54
C GLU B 375 12.80 -5.44 -23.28
N ALA B 376 13.37 -6.24 -22.38
CA ALA B 376 14.82 -6.28 -22.13
C ALA B 376 15.34 -7.65 -22.51
N SER B 377 16.57 -7.71 -23.00
CA SER B 377 17.18 -9.02 -23.26
C SER B 377 18.69 -8.95 -23.32
N ALA B 378 19.31 -10.10 -23.12
CA ALA B 378 20.78 -10.23 -23.16
C ALA B 378 21.20 -11.65 -23.48
N PRO B 379 22.21 -11.82 -24.35
CA PRO B 379 22.83 -13.12 -24.49
C PRO B 379 23.71 -13.38 -23.27
N VAL B 380 23.79 -14.64 -22.87
CA VAL B 380 24.54 -15.09 -21.70
CA VAL B 380 24.56 -15.05 -21.72
C VAL B 380 25.39 -16.29 -22.10
N VAL B 381 26.68 -16.25 -21.78
CA VAL B 381 27.57 -17.39 -22.05
C VAL B 381 28.24 -17.76 -20.72
N LEU B 382 27.64 -18.72 -20.04
CA LEU B 382 28.11 -19.22 -18.75
C LEU B 382 29.26 -20.19 -19.02
N GLN B 383 30.38 -19.99 -18.34
CA GLN B 383 31.62 -20.74 -18.60
C GLN B 383 32.28 -21.14 -17.28
N LYS B 384 33.11 -22.19 -17.35
CA LYS B 384 33.87 -22.70 -16.20
C LYS B 384 33.00 -23.00 -14.98
N ALA B 385 31.79 -23.48 -15.24
CA ALA B 385 30.78 -23.60 -14.19
C ALA B 385 30.74 -25.00 -13.60
N GLY B 386 30.59 -25.08 -12.28
CA GLY B 386 30.26 -26.30 -11.57
C GLY B 386 28.78 -26.38 -11.35
N VAL B 387 28.33 -27.46 -10.73
CA VAL B 387 26.90 -27.76 -10.65
C VAL B 387 26.16 -26.70 -9.83
N ASN B 388 25.02 -26.27 -10.36
CA ASN B 388 24.15 -25.22 -9.81
C ASN B 388 24.63 -23.75 -9.91
N ASP B 389 25.82 -23.52 -10.47
CA ASP B 389 26.21 -22.16 -10.84
C ASP B 389 25.19 -21.61 -11.83
N GLU B 390 24.89 -20.32 -11.73
CA GLU B 390 23.85 -19.73 -12.59
C GLU B 390 24.16 -18.28 -12.94
N ALA B 391 23.67 -17.83 -14.10
CA ALA B 391 23.83 -16.44 -14.51
C ALA B 391 22.66 -16.02 -15.35
N GLY B 392 22.29 -14.75 -15.26
CA GLY B 392 21.17 -14.26 -16.04
C GLY B 392 20.71 -12.86 -15.73
N ILE B 393 19.38 -12.67 -15.74
CA ILE B 393 18.73 -11.37 -15.59
C ILE B 393 17.75 -11.48 -14.42
N SER B 394 17.80 -10.48 -13.53
CA SER B 394 16.92 -10.37 -12.39
C SER B 394 16.06 -9.11 -12.48
N VAL B 395 14.76 -9.28 -12.26
CA VAL B 395 13.83 -8.17 -12.07
C VAL B 395 13.83 -7.96 -10.56
N PHE B 396 14.55 -6.94 -10.12
CA PHE B 396 14.97 -6.83 -8.71
C PHE B 396 14.39 -5.59 -8.07
N MET B 397 13.67 -5.78 -6.95
CA MET B 397 13.25 -4.67 -6.10
C MET B 397 14.05 -4.61 -4.81
N GLU B 398 14.14 -5.74 -4.11
CA GLU B 398 14.81 -5.82 -2.81
C GLU B 398 15.34 -7.26 -2.66
N PHE B 399 16.24 -7.47 -1.70
CA PHE B 399 16.86 -8.77 -1.46
C PHE B 399 15.82 -9.89 -1.21
N HIS B 400 14.67 -9.53 -0.64
CA HIS B 400 13.57 -10.48 -0.45
C HIS B 400 12.49 -10.42 -1.56
N SER B 401 12.73 -9.72 -2.65
CA SER B 401 11.66 -9.48 -3.64
C SER B 401 12.28 -9.32 -5.02
N HIS B 402 12.41 -10.42 -5.73
CA HIS B 402 12.97 -10.39 -7.08
C HIS B 402 12.60 -11.62 -7.88
N TYR B 403 12.56 -11.44 -9.21
CA TYR B 403 12.31 -12.53 -10.13
C TYR B 403 13.57 -12.77 -10.96
N ASP B 404 14.06 -14.01 -10.96
CA ASP B 404 15.33 -14.39 -11.60
C ASP B 404 15.11 -15.32 -12.80
N LEU B 405 15.68 -14.93 -13.95
CA LEU B 405 15.66 -15.73 -15.16
C LEU B 405 17.13 -16.03 -15.48
N PHE B 406 17.49 -17.31 -15.62
CA PHE B 406 18.91 -17.68 -15.67
C PHE B 406 19.22 -18.96 -16.44
N VAL B 407 20.48 -19.07 -16.86
CA VAL B 407 21.06 -20.32 -17.36
CA VAL B 407 21.02 -20.33 -17.34
C VAL B 407 21.74 -20.98 -16.16
N ARG B 408 21.53 -22.27 -15.97
CA ARG B 408 22.13 -22.98 -14.84
C ARG B 408 22.90 -24.20 -15.32
N GLN B 409 24.08 -24.39 -14.73
CA GLN B 409 24.88 -25.60 -14.94
C GLN B 409 24.30 -26.74 -14.10
N ASP B 410 23.93 -27.81 -14.79
CA ASP B 410 23.46 -29.04 -14.12
C ASP B 410 24.56 -30.09 -14.16
N LYS B 411 24.32 -31.19 -13.46
CA LYS B 411 25.25 -32.34 -13.42
C LYS B 411 25.29 -33.08 -14.75
N ASP B 412 26.34 -33.89 -14.92
CA ASP B 412 26.60 -34.65 -16.14
C ASP B 412 26.79 -33.73 -17.37
N ARG B 413 27.39 -32.56 -17.14
CA ARG B 413 27.66 -31.57 -18.19
C ARG B 413 26.44 -31.04 -18.96
N LYS B 414 25.23 -31.11 -18.38
CA LYS B 414 24.01 -30.59 -19.00
C LYS B 414 23.69 -29.18 -18.48
N ARG B 415 22.79 -28.48 -19.17
CA ARG B 415 22.34 -27.15 -18.78
C ARG B 415 20.85 -26.95 -18.93
N SER B 416 20.33 -25.94 -18.21
CA SER B 416 18.91 -25.61 -18.24
C SER B 416 18.65 -24.12 -18.04
N VAL B 417 17.50 -23.68 -18.52
CA VAL B 417 17.02 -22.32 -18.27
C VAL B 417 16.05 -22.44 -17.10
N GLY B 418 16.20 -21.58 -16.10
CA GLY B 418 15.35 -21.60 -14.91
C GLY B 418 14.66 -20.25 -14.67
N LEU B 419 13.53 -20.30 -13.97
CA LEU B 419 12.79 -19.12 -13.59
C LEU B 419 12.40 -19.30 -12.14
N ARG B 420 12.89 -18.39 -11.28
CA ARG B 420 12.70 -18.46 -9.82
CA ARG B 420 12.70 -18.46 -9.84
C ARG B 420 12.19 -17.14 -9.29
N TYR B 421 11.12 -17.18 -8.48
CA TYR B 421 10.52 -15.98 -7.89
C TYR B 421 10.84 -16.00 -6.40
N LYS B 422 11.50 -14.97 -5.91
CA LYS B 422 11.82 -14.84 -4.48
C LYS B 422 10.89 -13.82 -3.89
N LEU B 423 9.96 -14.26 -3.04
CA LEU B 423 9.05 -13.38 -2.30
C LEU B 423 9.01 -13.80 -0.84
N GLY B 424 9.83 -13.17 0.00
CA GLY B 424 9.93 -13.49 1.41
C GLY B 424 10.31 -14.97 1.63
N GLU B 425 9.43 -15.71 2.30
CA GLU B 425 9.67 -17.13 2.59
C GLU B 425 9.46 -18.05 1.41
N ILE B 426 8.92 -17.55 0.30
CA ILE B 426 8.76 -18.33 -0.90
C ILE B 426 9.96 -18.14 -1.82
N THR B 427 10.54 -19.27 -2.21
CA THR B 427 11.42 -19.37 -3.38
CA THR B 427 11.41 -19.35 -3.39
C THR B 427 10.74 -20.36 -4.33
N HIS B 428 10.03 -19.85 -5.34
CA HIS B 428 9.24 -20.67 -6.26
C HIS B 428 9.90 -20.84 -7.62
N TYR B 429 10.22 -22.09 -7.97
CA TYR B 429 10.73 -22.42 -9.29
C TYR B 429 9.56 -22.60 -10.25
N ALA B 430 9.31 -21.60 -11.09
CA ALA B 430 8.18 -21.65 -12.01
C ALA B 430 8.46 -22.59 -13.19
N LYS B 431 9.69 -22.58 -13.70
CA LYS B 431 10.08 -23.38 -14.85
C LYS B 431 11.51 -23.83 -14.71
N GLU B 432 11.77 -25.06 -15.17
CA GLU B 432 13.11 -25.56 -15.42
C GLU B 432 13.08 -26.28 -16.77
N VAL B 433 13.85 -25.80 -17.74
CA VAL B 433 13.80 -26.31 -19.11
C VAL B 433 15.21 -26.68 -19.57
N SER B 434 15.36 -27.93 -19.99
CA SER B 434 16.62 -28.47 -20.51
C SER B 434 17.07 -27.76 -21.79
N LEU B 435 18.36 -27.41 -21.84
CA LEU B 435 18.94 -26.73 -22.98
C LEU B 435 19.73 -27.71 -23.83
N PRO B 436 19.74 -27.51 -25.17
CA PRO B 436 20.68 -28.27 -25.98
C PRO B 436 22.13 -27.91 -25.64
N THR B 437 23.04 -28.89 -25.75
CA THR B 437 24.47 -28.63 -25.56
C THR B 437 24.98 -27.73 -26.70
N ASP B 438 25.81 -26.74 -26.33
CA ASP B 438 26.40 -25.82 -27.32
C ASP B 438 25.38 -24.91 -28.05
N GLY B 439 24.26 -24.60 -27.41
CA GLY B 439 23.29 -23.62 -27.95
C GLY B 439 23.55 -22.23 -27.38
N GLU B 440 23.61 -21.22 -28.25
CA GLU B 440 23.73 -19.81 -27.82
C GLU B 440 22.37 -19.33 -27.28
N VAL B 441 22.37 -18.81 -26.04
CA VAL B 441 21.13 -18.45 -25.32
C VAL B 441 20.98 -16.93 -25.13
N GLU B 442 19.76 -16.44 -25.36
CA GLU B 442 19.39 -15.04 -25.08
C GLU B 442 18.22 -15.09 -24.09
N LEU B 443 18.36 -14.45 -22.93
CA LEU B 443 17.27 -14.36 -21.95
C LEU B 443 16.44 -13.10 -22.20
N VAL B 444 15.11 -13.22 -22.10
CA VAL B 444 14.20 -12.16 -22.51
C VAL B 444 13.17 -11.88 -21.40
N VAL B 445 13.04 -10.60 -21.02
CA VAL B 445 12.03 -10.16 -20.03
C VAL B 445 11.21 -9.06 -20.67
N LYS B 446 9.89 -9.30 -20.77
CA LYS B 446 8.96 -8.31 -21.24
C LYS B 446 8.05 -7.92 -20.07
N SER B 447 7.37 -6.78 -20.19
CA SER B 447 6.38 -6.37 -19.19
C SER B 447 5.25 -5.52 -19.75
N ASP B 448 4.10 -5.61 -19.10
CA ASP B 448 3.08 -4.60 -19.22
C ASP B 448 2.73 -4.18 -17.78
N ILE B 449 1.71 -3.34 -17.62
CA ILE B 449 1.36 -2.86 -16.27
C ILE B 449 0.94 -4.01 -15.31
N ASN B 450 0.43 -5.12 -15.84
CA ASN B 450 -0.07 -6.22 -15.01
C ASN B 450 0.94 -7.34 -14.76
N TYR B 451 1.76 -7.68 -15.75
CA TYR B 451 2.70 -8.82 -15.65
C TYR B 451 4.07 -8.55 -16.26
N TYR B 452 5.07 -9.23 -15.71
CA TYR B 452 6.34 -9.55 -16.39
C TYR B 452 6.14 -10.86 -17.16
N TYR B 453 6.61 -10.92 -18.39
CA TYR B 453 6.60 -12.13 -19.20
C TYR B 453 8.04 -12.54 -19.47
N PHE B 454 8.34 -13.82 -19.25
CA PHE B 454 9.71 -14.31 -19.36
C PHE B 454 9.84 -15.28 -20.53
N GLY B 455 11.04 -15.32 -21.11
CA GLY B 455 11.31 -16.20 -22.21
C GLY B 455 12.77 -16.29 -22.53
N TYR B 456 13.08 -17.09 -23.53
CA TYR B 456 14.46 -17.22 -23.99
C TYR B 456 14.50 -17.58 -25.47
N LYS B 457 15.60 -17.17 -26.12
CA LYS B 457 15.89 -17.54 -27.50
C LYS B 457 17.09 -18.50 -27.49
N VAL B 458 16.95 -19.64 -28.17
CA VAL B 458 18.03 -20.61 -28.31
C VAL B 458 18.18 -20.95 -29.79
N ASN B 459 19.41 -20.77 -30.28
CA ASN B 459 19.70 -20.82 -31.71
C ASN B 459 18.66 -20.01 -32.51
N GLY B 460 18.44 -18.77 -32.06
CA GLY B 460 17.46 -17.86 -32.67
C GLY B 460 15.99 -18.05 -32.31
N ILE B 461 15.58 -19.26 -31.88
CA ILE B 461 14.16 -19.59 -31.74
C ILE B 461 13.64 -19.22 -30.34
N TYR B 462 12.61 -18.36 -30.31
CA TYR B 462 12.06 -17.82 -29.06
C TYR B 462 11.00 -18.72 -28.42
N HIS B 463 11.12 -18.95 -27.12
CA HIS B 463 10.15 -19.71 -26.35
C HIS B 463 9.69 -18.87 -25.15
N ASP B 464 8.36 -18.79 -24.94
CA ASP B 464 7.79 -18.20 -23.72
C ASP B 464 7.88 -19.15 -22.54
N LEU B 465 8.18 -18.61 -21.35
CA LEU B 465 8.28 -19.39 -20.11
C LEU B 465 7.19 -19.07 -19.06
N GLY B 466 6.29 -18.13 -19.34
CA GLY B 466 5.21 -17.80 -18.40
C GLY B 466 5.34 -16.38 -17.86
N LYS B 467 4.39 -16.02 -17.00
CA LYS B 467 4.27 -14.65 -16.51
C LYS B 467 4.12 -14.59 -14.99
N MET B 468 4.34 -13.40 -14.44
CA MET B 468 4.24 -13.19 -13.01
C MET B 468 3.80 -11.77 -12.72
N ASN B 469 2.90 -11.62 -11.76
CA ASN B 469 2.29 -10.32 -11.47
C ASN B 469 3.34 -9.28 -11.09
N THR B 470 3.17 -8.08 -11.62
CA THR B 470 4.00 -6.93 -11.23
C THR B 470 3.86 -6.52 -9.76
N ARG B 471 2.67 -6.66 -9.16
CA ARG B 471 2.37 -6.06 -7.85
CA ARG B 471 2.40 -6.03 -7.87
C ARG B 471 3.27 -6.50 -6.72
N TYR B 472 3.74 -7.75 -6.75
CA TYR B 472 4.58 -8.28 -5.67
C TYR B 472 5.97 -7.67 -5.58
N LEU B 473 6.40 -6.99 -6.64
CA LEU B 473 7.65 -6.20 -6.60
C LEU B 473 7.43 -4.69 -6.40
N SER B 474 6.21 -4.27 -6.12
CA SER B 474 5.92 -2.83 -5.90
C SER B 474 6.53 -2.34 -4.59
N THR B 475 6.70 -1.02 -4.49
CA THR B 475 7.10 -0.37 -3.25
C THR B 475 6.04 -0.64 -2.17
N GLU B 476 4.77 -0.68 -2.54
CA GLU B 476 3.68 -0.93 -1.59
C GLU B 476 3.76 -2.31 -0.93
N THR B 477 4.03 -3.33 -1.73
CA THR B 477 4.22 -4.70 -1.24
C THR B 477 5.57 -4.90 -0.54
N ALA B 478 6.64 -4.59 -1.23
CA ALA B 478 7.99 -4.91 -0.78
C ALA B 478 8.58 -3.93 0.25
N GLY B 479 8.10 -2.68 0.26
CA GLY B 479 8.62 -1.65 1.16
C GLY B 479 9.74 -0.89 0.47
N GLY B 480 10.40 -0.01 1.23
CA GLY B 480 11.53 0.80 0.73
C GLY B 480 11.16 2.02 -0.09
N PHE B 481 12.17 2.60 -0.75
CA PHE B 481 12.07 3.91 -1.41
C PHE B 481 12.54 3.91 -2.87
N THR B 482 12.56 2.74 -3.51
CA THR B 482 13.22 2.59 -4.80
C THR B 482 12.21 2.08 -5.83
N GLY B 483 12.71 1.84 -7.04
CA GLY B 483 11.97 1.19 -8.11
C GLY B 483 12.68 -0.08 -8.59
N VAL B 484 12.03 -0.79 -9.50
CA VAL B 484 12.57 -2.03 -10.04
C VAL B 484 13.75 -1.73 -10.96
N VAL B 485 14.78 -2.54 -10.85
CA VAL B 485 15.93 -2.48 -11.74
C VAL B 485 16.08 -3.87 -12.41
N LEU B 486 16.71 -3.89 -13.58
CA LEU B 486 16.91 -5.09 -14.37
C LEU B 486 18.40 -5.36 -14.36
N GLY B 487 18.81 -6.44 -13.71
CA GLY B 487 20.20 -6.69 -13.40
C GLY B 487 20.78 -7.95 -14.01
N LEU B 488 21.97 -7.81 -14.57
CA LEU B 488 22.75 -8.93 -15.01
C LEU B 488 23.52 -9.42 -13.82
N TYR B 489 23.53 -10.74 -13.60
CA TYR B 489 24.15 -11.30 -12.42
C TYR B 489 24.69 -12.71 -12.64
N ILE B 490 25.54 -13.13 -11.71
CA ILE B 490 26.05 -14.48 -11.68
C ILE B 490 26.28 -14.85 -10.23
N THR B 491 25.91 -16.08 -9.88
CA THR B 491 26.12 -16.63 -8.55
CA THR B 491 26.16 -16.64 -8.56
C THR B 491 26.64 -18.07 -8.70
N SER B 492 27.64 -18.43 -7.90
CA SER B 492 28.13 -19.80 -7.82
C SER B 492 27.54 -20.49 -6.60
N ALA B 493 27.42 -21.82 -6.69
CA ALA B 493 26.85 -22.63 -5.63
C ALA B 493 27.89 -23.09 -4.59
N SER B 494 29.18 -22.86 -4.85
CA SER B 494 30.25 -23.19 -3.88
C SER B 494 31.37 -22.16 -3.92
N LYS B 495 32.17 -22.13 -2.86
CA LYS B 495 33.29 -21.20 -2.72
C LYS B 495 34.46 -21.48 -3.68
N ASP B 496 34.57 -22.73 -4.14
CA ASP B 496 35.63 -23.14 -5.10
C ASP B 496 35.48 -22.63 -6.53
N SER B 497 34.25 -22.39 -6.97
CA SER B 497 33.94 -22.14 -8.40
C SER B 497 34.79 -21.03 -9.03
N LYS B 498 35.19 -21.24 -10.29
CA LYS B 498 35.86 -20.22 -11.11
C LYS B 498 34.94 -19.75 -12.24
N ALA B 499 33.62 -19.93 -12.04
CA ALA B 499 32.64 -19.59 -13.04
C ALA B 499 32.64 -18.10 -13.39
N TYR B 500 32.38 -17.82 -14.65
CA TYR B 500 32.14 -16.46 -15.13
C TYR B 500 31.15 -16.55 -16.28
N ALA B 501 30.58 -15.41 -16.65
CA ALA B 501 29.60 -15.35 -17.72
C ALA B 501 29.80 -14.10 -18.54
N ASP B 502 29.75 -14.25 -19.87
CA ASP B 502 29.89 -13.15 -20.78
C ASP B 502 28.54 -12.74 -21.36
N PHE B 503 28.27 -11.43 -21.28
CA PHE B 503 27.07 -10.81 -21.80
C PHE B 503 27.53 -9.87 -22.89
N GLU B 504 27.15 -10.16 -24.13
CA GLU B 504 27.62 -9.43 -25.28
C GLU B 504 26.95 -8.07 -25.42
N TYR B 505 25.68 -7.99 -25.04
CA TYR B 505 24.97 -6.73 -25.09
C TYR B 505 23.78 -6.77 -24.13
N PHE B 506 23.18 -5.61 -23.91
CA PHE B 506 21.93 -5.50 -23.17
C PHE B 506 20.98 -4.68 -24.01
N LYS B 507 19.87 -5.31 -24.38
CA LYS B 507 18.83 -4.64 -25.16
C LYS B 507 17.71 -4.15 -24.24
N TYR B 508 17.28 -2.90 -24.43
CA TYR B 508 16.16 -2.34 -23.71
C TYR B 508 15.37 -1.43 -24.63
N LYS B 509 14.08 -1.71 -24.82
CA LYS B 509 13.20 -0.84 -25.56
C LYS B 509 11.87 -0.63 -24.82
N GLY B 510 11.53 0.61 -24.51
CA GLY B 510 10.24 0.95 -23.92
C GLY B 510 9.25 1.33 -24.99
N LYS B 511 7.95 1.10 -24.74
CA LYS B 511 6.91 1.44 -25.70
C LYS B 511 6.69 2.96 -25.81
N PRO B 512 6.34 3.47 -27.02
CA PRO B 512 6.19 4.92 -27.26
C PRO B 512 5.22 5.65 -26.32
O2' EDG C . -17.31 5.06 2.30
C2' EDG C . -17.04 4.13 1.27
C1' EDG C . -15.53 4.08 1.04
N4' EDG C . -15.19 2.66 1.06
C3' EDG C . -17.43 2.70 1.66
O3' EDG C . -18.75 2.35 1.26
C4' EDG C . -16.41 1.85 0.90
C5' EDG C . -16.26 0.44 1.43
O5' EDG C . -15.65 0.40 2.72
O2' EDG D . 12.17 13.61 2.03
C2' EDG D . 12.54 12.34 2.52
C1' EDG D . 11.32 11.43 2.49
N4' EDG D . 11.79 10.16 1.98
C3' EDG D . 13.57 11.66 1.64
O3' EDG D . 14.93 11.90 1.99
C4' EDG D . 13.26 10.17 1.84
C5' EDG D . 13.73 9.30 0.70
O5' EDG D . 12.96 9.52 -0.46
#